data_4CXA
#
_entry.id   4CXA
#
_cell.length_a   69.843
_cell.length_b   138.791
_cell.length_c   71.888
_cell.angle_alpha   90.00
_cell.angle_beta   104.99
_cell.angle_gamma   90.00
#
_symmetry.space_group_name_H-M   'P 1 21 1'
#
loop_
_entity.id
_entity.type
_entity.pdbx_description
1 polymer 'CYCLIN-DEPENDENT KINASE 12'
2 polymer CYCLIN-K
3 non-polymer 'PHOSPHOAMINOPHOSPHONIC ACID-ADENYLATE ESTER'
#
loop_
_entity_poly.entity_id
_entity_poly.type
_entity_poly.pdbx_seq_one_letter_code
_entity_poly.pdbx_strand_id
1 'polypeptide(L)'
;SMTESDWGKRCVDKFDIIGIIGEGTYGQVYKAKDKDTGELVALKKVRLDNEKEGFPITAIREIKILRQLIHRSVVNMKEI
VTDKQDALDFKKDKGAFYLVFEYMDHDLMGLLESGLVHFSEDHIKSFMKQLMEGLEYCHKKNFLHRDIKCSNILLNNSGQ
IKLADFGLARLYNSEESRPY(TPO)NKVITLWYRPPELLLGEERYTPAIDVWSCGCILGELFTKKPIFQANLELAQLELI
SRLCGSPCPAVWPDVIKLPYFNTMKPKKQYRRRLREEFSFIPSAALDLLDHMLTLDPSKRCTAEQTLQSDFLKDVELSKM
APPDLPHWQDCHELWSKKRRRQRQ
;
A,C
2 'polypeptide(L)'
;SMSVTSANLDHTKPCWYWDKKDLAHTPSQLEGLDPATEARYRREGARFIFDVGTRLGLHYDTLATGIIYFHRFYMFHSFK
QFPRYVTGACCLFLAGKVEETPKKCKDIIKTARSLLNDVQFGQFGDDPKEEVMVLERILLQTIKFDLQVEHPYQFLLKYA
KQLKGDKNKIQKLVQMAWTFVNDSLCTTLSLQWEPEIIAVAVMYLAGRLCKFEIQEWTSKPMYRRWWEQFVQDVPVDVLE
DICHQILDLYSQGKQQMPH
;
B,D
#
# COMPACT_ATOMS: atom_id res chain seq x y z
N ASP A 6 18.20 -3.25 31.72
CA ASP A 6 19.07 -2.80 30.64
C ASP A 6 18.71 -3.47 29.32
N TRP A 7 17.55 -3.13 28.78
CA TRP A 7 17.13 -3.71 27.50
C TRP A 7 17.68 -2.96 26.29
N GLY A 8 18.32 -3.69 25.38
CA GLY A 8 18.83 -3.11 24.16
C GLY A 8 20.27 -2.64 24.19
N LYS A 9 21.01 -2.95 25.25
CA LYS A 9 22.39 -2.47 25.37
C LYS A 9 23.41 -3.52 24.96
N ARG A 10 23.10 -4.79 25.19
CA ARG A 10 24.00 -5.88 24.84
C ARG A 10 24.24 -5.96 23.33
N CYS A 11 25.33 -6.60 22.94
CA CYS A 11 25.68 -6.71 21.53
C CYS A 11 25.40 -8.10 20.99
N VAL A 12 25.03 -8.20 19.72
CA VAL A 12 24.73 -9.49 19.10
C VAL A 12 26.00 -10.34 18.96
N ASP A 13 27.16 -9.69 19.08
CA ASP A 13 28.44 -10.40 19.07
C ASP A 13 28.54 -11.37 20.26
N LYS A 14 27.62 -11.22 21.21
CA LYS A 14 27.45 -12.13 22.34
C LYS A 14 26.78 -13.46 21.95
N PHE A 15 26.19 -13.50 20.76
CA PHE A 15 25.42 -14.67 20.29
C PHE A 15 26.11 -15.42 19.15
N ASP A 16 26.16 -16.73 19.26
CA ASP A 16 26.68 -17.58 18.19
C ASP A 16 25.60 -17.90 17.16
N ILE A 17 25.73 -17.32 15.97
CA ILE A 17 24.75 -17.55 14.90
C ILE A 17 24.90 -18.94 14.31
N ILE A 18 23.77 -19.62 14.14
CA ILE A 18 23.78 -20.98 13.62
C ILE A 18 23.35 -21.02 12.15
N GLY A 19 22.18 -20.47 11.85
CA GLY A 19 21.67 -20.49 10.48
C GLY A 19 20.41 -19.66 10.27
N ILE A 20 20.01 -19.51 9.01
CA ILE A 20 18.81 -18.76 8.68
C ILE A 20 17.59 -19.66 8.66
N ILE A 21 16.62 -19.35 9.54
CA ILE A 21 15.38 -20.11 9.68
C ILE A 21 14.31 -19.63 8.70
N GLY A 22 14.33 -18.34 8.39
CA GLY A 22 13.40 -17.79 7.42
C GLY A 22 13.41 -16.29 7.24
N GLU A 23 12.94 -15.84 6.08
CA GLU A 23 12.85 -14.43 5.75
C GLU A 23 11.53 -13.81 6.21
N GLY A 24 11.63 -12.84 7.12
CA GLY A 24 10.47 -12.16 7.65
C GLY A 24 10.30 -10.76 7.09
N THR A 25 9.31 -10.04 7.60
CA THR A 25 9.07 -8.65 7.20
C THR A 25 10.23 -7.79 7.67
N TYR A 26 10.80 -8.21 8.79
CA TYR A 26 11.95 -7.57 9.42
C TYR A 26 13.16 -7.57 8.51
N GLY A 27 13.36 -8.71 7.87
CA GLY A 27 14.60 -9.05 7.20
C GLY A 27 14.65 -10.56 7.24
N GLN A 28 15.36 -11.09 8.23
CA GLN A 28 15.50 -12.53 8.38
C GLN A 28 15.52 -12.95 9.85
N VAL A 29 15.33 -14.25 10.09
CA VAL A 29 15.31 -14.82 11.43
C VAL A 29 16.40 -15.88 11.54
N TYR A 30 17.21 -15.79 12.59
CA TYR A 30 18.36 -16.66 12.74
C TYR A 30 18.23 -17.59 13.95
N LYS A 31 18.79 -18.79 13.84
CA LYS A 31 18.92 -19.67 15.00
C LYS A 31 20.26 -19.37 15.65
N ALA A 32 20.29 -19.36 16.97
CA ALA A 32 21.51 -18.94 17.68
C ALA A 32 21.64 -19.48 19.10
N LYS A 33 22.89 -19.64 19.54
CA LYS A 33 23.20 -19.99 20.94
C LYS A 33 23.86 -18.80 21.62
N ASP A 34 23.83 -18.75 22.95
CA ASP A 34 24.48 -17.64 23.64
C ASP A 34 25.79 -18.12 24.25
N LYS A 35 26.85 -17.34 24.06
CA LYS A 35 28.20 -17.72 24.49
C LYS A 35 28.34 -17.82 26.01
N ASP A 36 27.41 -17.19 26.73
CA ASP A 36 27.41 -17.21 28.19
C ASP A 36 26.71 -18.46 28.74
N THR A 37 25.42 -18.61 28.41
CA THR A 37 24.61 -19.72 28.91
C THR A 37 24.68 -20.98 28.04
N GLY A 38 24.62 -20.81 26.72
CA GLY A 38 24.68 -21.96 25.83
C GLY A 38 23.34 -22.29 25.22
N GLU A 39 22.29 -21.73 25.81
CA GLU A 39 20.91 -22.00 25.38
C GLU A 39 20.64 -21.57 23.95
N LEU A 40 19.73 -22.29 23.29
CA LEU A 40 19.37 -21.97 21.92
C LEU A 40 18.39 -20.82 21.93
N VAL A 41 18.43 -20.01 20.89
CA VAL A 41 17.76 -18.72 20.91
C VAL A 41 17.36 -18.34 19.49
N ALA A 42 16.21 -17.69 19.32
CA ALA A 42 15.82 -17.16 18.02
C ALA A 42 16.10 -15.66 17.93
N LEU A 43 16.70 -15.23 16.82
CA LEU A 43 17.00 -13.82 16.62
C LEU A 43 16.26 -13.24 15.41
N LYS A 44 15.44 -12.22 15.64
CA LYS A 44 14.78 -11.52 14.54
C LYS A 44 15.48 -10.19 14.21
N LYS A 45 15.97 -10.07 12.99
CA LYS A 45 16.79 -8.93 12.56
C LYS A 45 15.98 -7.70 12.14
N VAL A 46 16.09 -6.62 12.91
CA VAL A 46 15.41 -5.37 12.60
C VAL A 46 16.32 -4.38 11.86
N ARG A 47 16.39 -4.49 10.54
CA ARG A 47 17.18 -3.57 9.75
C ARG A 47 16.56 -2.18 9.70
N LEU A 48 17.31 -1.18 10.17
CA LEU A 48 16.85 0.20 10.24
C LEU A 48 17.14 0.93 8.92
N ASP A 49 16.09 1.41 8.28
CA ASP A 49 16.19 1.95 6.93
C ASP A 49 16.87 3.32 6.86
N ASN A 50 16.50 4.21 7.78
CA ASN A 50 17.06 5.56 7.87
C ASN A 50 16.64 6.41 6.67
N GLU A 51 15.76 5.87 5.84
CA GLU A 51 15.37 6.51 4.59
C GLU A 51 13.86 6.66 4.53
N LYS A 52 13.16 5.57 4.27
CA LYS A 52 11.69 5.55 4.25
C LYS A 52 11.14 5.67 5.67
N GLU A 53 11.33 4.61 6.47
CA GLU A 53 10.88 4.63 7.86
C GLU A 53 11.96 4.11 8.79
N GLY A 54 11.82 4.43 10.07
CA GLY A 54 12.74 3.95 11.09
C GLY A 54 12.37 2.57 11.59
N PHE A 55 12.30 2.44 12.90
CA PHE A 55 11.88 1.18 13.53
C PHE A 55 10.45 0.91 13.10
N PRO A 56 10.22 -0.18 12.35
CA PRO A 56 8.91 -0.46 11.75
C PRO A 56 7.81 -0.65 12.78
N ILE A 57 6.59 -0.27 12.42
CA ILE A 57 5.46 -0.36 13.35
C ILE A 57 5.21 -1.80 13.77
N THR A 58 5.39 -2.72 12.83
CA THR A 58 5.25 -4.15 13.10
C THR A 58 6.24 -4.60 14.17
N ALA A 59 7.42 -4.00 14.16
CA ALA A 59 8.43 -4.32 15.15
C ALA A 59 8.14 -3.69 16.49
N ILE A 60 7.36 -2.62 16.47
CA ILE A 60 7.01 -1.91 17.68
C ILE A 60 5.83 -2.61 18.36
N ARG A 61 4.86 -3.02 17.56
CA ARG A 61 3.71 -3.77 18.08
C ARG A 61 4.17 -5.03 18.82
N GLU A 62 5.16 -5.71 18.23
CA GLU A 62 5.66 -6.95 18.80
C GLU A 62 6.33 -6.70 20.15
N ILE A 63 7.21 -5.70 20.21
CA ILE A 63 7.87 -5.33 21.46
C ILE A 63 6.86 -4.84 22.50
N LYS A 64 6.01 -3.90 22.10
CA LYS A 64 5.02 -3.29 22.98
C LYS A 64 4.07 -4.27 23.64
N ILE A 65 3.63 -5.27 22.87
CA ILE A 65 2.60 -6.18 23.33
C ILE A 65 3.16 -7.41 24.05
N LEU A 66 4.21 -8.01 23.50
CA LEU A 66 4.76 -9.23 24.07
C LEU A 66 5.43 -9.01 25.43
N ARG A 67 5.86 -7.79 25.70
CA ARG A 67 6.49 -7.50 27.00
C ARG A 67 5.48 -7.31 28.12
N GLN A 68 4.19 -7.33 27.80
CA GLN A 68 3.15 -7.30 28.83
C GLN A 68 2.30 -8.59 28.83
N LEU A 69 2.51 -9.45 27.84
CA LEU A 69 1.83 -10.74 27.78
C LEU A 69 2.76 -11.87 28.24
N ILE A 70 2.43 -12.47 29.38
CA ILE A 70 3.21 -13.59 29.90
C ILE A 70 2.39 -14.86 30.16
N HIS A 71 2.44 -15.80 29.22
CA HIS A 71 1.71 -17.06 29.35
C HIS A 71 2.49 -18.20 28.68
N ARG A 72 2.21 -19.43 29.09
CA ARG A 72 2.93 -20.61 28.61
C ARG A 72 2.84 -20.81 27.10
N SER A 73 1.70 -20.48 26.52
CA SER A 73 1.48 -20.74 25.10
C SER A 73 1.69 -19.50 24.24
N VAL A 74 2.32 -18.49 24.82
CA VAL A 74 2.66 -17.27 24.10
C VAL A 74 4.17 -17.11 24.14
N VAL A 75 4.77 -16.85 22.99
CA VAL A 75 6.22 -16.73 22.88
C VAL A 75 6.80 -15.56 23.66
N ASN A 76 7.63 -15.87 24.65
CA ASN A 76 8.21 -14.82 25.46
C ASN A 76 9.48 -14.28 24.81
N MET A 77 9.57 -12.95 24.75
CA MET A 77 10.76 -12.27 24.26
C MET A 77 11.76 -12.12 25.39
N LYS A 78 12.91 -12.79 25.26
CA LYS A 78 13.90 -12.78 26.33
C LYS A 78 14.56 -11.40 26.50
N GLU A 79 14.90 -10.77 25.38
CA GLU A 79 15.60 -9.49 25.41
C GLU A 79 15.65 -8.85 24.02
N ILE A 80 16.34 -7.72 23.93
CA ILE A 80 16.62 -7.08 22.66
C ILE A 80 18.11 -6.81 22.60
N VAL A 81 18.71 -7.12 21.46
CA VAL A 81 20.14 -6.99 21.33
C VAL A 81 20.50 -6.31 20.00
N THR A 82 21.67 -5.67 19.94
CA THR A 82 22.05 -4.87 18.77
C THR A 82 23.49 -5.10 18.31
N ASP A 83 23.78 -4.74 17.05
CA ASP A 83 25.15 -4.82 16.52
C ASP A 83 25.78 -3.42 16.46
N LYS A 84 27.06 -3.39 16.09
CA LYS A 84 27.81 -2.14 15.90
C LYS A 84 27.72 -1.20 17.09
N GLN A 85 28.46 -1.54 18.15
CA GLN A 85 28.50 -0.73 19.36
C GLN A 85 29.36 0.53 19.16
N LEU A 88 31.52 7.67 20.88
CA LEU A 88 31.94 8.43 19.72
C LEU A 88 30.87 8.43 18.64
N ASP A 89 29.94 9.39 18.77
CA ASP A 89 28.90 9.65 17.77
C ASP A 89 27.92 8.48 17.63
N PHE A 90 26.88 8.70 16.83
CA PHE A 90 25.78 7.76 16.70
C PHE A 90 25.04 8.08 15.41
N LYS A 91 25.36 9.24 14.84
CA LYS A 91 24.75 9.67 13.59
C LYS A 91 25.33 8.87 12.43
N LYS A 92 26.43 8.17 12.72
CA LYS A 92 27.10 7.32 11.75
C LYS A 92 26.58 5.87 11.79
N ASP A 93 26.15 5.42 12.96
CA ASP A 93 25.55 4.10 13.14
C ASP A 93 24.42 3.80 12.16
N LYS A 94 24.39 2.54 11.72
CA LYS A 94 23.42 2.05 10.75
C LYS A 94 23.08 0.59 11.02
N GLY A 95 23.67 0.07 12.09
CA GLY A 95 23.48 -1.31 12.51
C GLY A 95 22.04 -1.59 12.90
N ALA A 96 21.68 -2.87 12.89
CA ALA A 96 20.29 -3.28 13.12
C ALA A 96 20.05 -3.75 14.55
N PHE A 97 18.78 -3.92 14.91
CA PHE A 97 18.40 -4.48 16.20
C PHE A 97 17.96 -5.92 16.05
N TYR A 98 18.19 -6.73 17.08
CA TYR A 98 17.83 -8.14 17.03
C TYR A 98 16.91 -8.52 18.19
N LEU A 99 15.70 -9.00 17.87
CA LEU A 99 14.78 -9.45 18.90
C LEU A 99 15.06 -10.89 19.33
N VAL A 100 15.19 -11.09 20.64
CA VAL A 100 15.59 -12.38 21.20
C VAL A 100 14.45 -13.16 21.83
N PHE A 101 14.24 -14.38 21.35
CA PHE A 101 13.15 -15.25 21.83
C PHE A 101 13.62 -16.59 22.39
N GLU A 102 12.65 -17.35 22.87
CA GLU A 102 12.83 -18.74 23.19
C GLU A 102 13.15 -19.44 21.87
N TYR A 103 13.74 -20.61 21.91
CA TYR A 103 13.95 -21.30 20.64
C TYR A 103 12.93 -22.40 20.51
N MET A 104 12.23 -22.41 19.38
CA MET A 104 11.28 -23.46 19.10
C MET A 104 11.76 -24.19 17.87
N ASP A 105 11.81 -25.51 18.00
CA ASP A 105 12.38 -26.38 16.99
C ASP A 105 11.57 -26.36 15.69
N HIS A 106 10.25 -26.40 15.78
CA HIS A 106 9.39 -26.47 14.58
C HIS A 106 8.25 -25.44 14.55
N ASP A 107 7.65 -25.27 13.38
CA ASP A 107 6.35 -24.61 13.28
C ASP A 107 5.41 -25.53 12.48
N LEU A 108 4.10 -25.36 12.68
CA LEU A 108 3.12 -26.28 12.09
C LEU A 108 3.09 -26.27 10.56
N MET A 109 3.48 -25.16 9.96
CA MET A 109 3.49 -25.07 8.50
C MET A 109 4.53 -26.02 7.95
N GLY A 110 5.67 -26.08 8.63
CA GLY A 110 6.76 -26.95 8.24
C GLY A 110 6.48 -28.42 8.48
N LEU A 111 5.87 -28.72 9.62
CA LEU A 111 5.57 -30.10 9.98
C LEU A 111 4.57 -30.72 9.00
N LEU A 112 3.52 -29.98 8.68
CA LEU A 112 2.50 -30.50 7.79
C LEU A 112 3.00 -30.55 6.34
N GLU A 113 4.02 -29.74 6.04
CA GLU A 113 4.56 -29.65 4.68
C GLU A 113 5.57 -30.74 4.35
N SER A 114 6.34 -31.15 5.37
CA SER A 114 7.40 -32.12 5.19
C SER A 114 6.89 -33.51 4.82
N GLY A 115 5.75 -33.91 5.42
CA GLY A 115 5.27 -35.26 5.22
C GLY A 115 6.05 -36.23 6.09
N LEU A 116 6.62 -35.70 7.17
CA LEU A 116 7.45 -36.47 8.08
C LEU A 116 6.67 -36.87 9.34
N VAL A 117 5.69 -36.04 9.70
CA VAL A 117 4.94 -36.20 10.95
C VAL A 117 3.54 -36.79 10.79
N HIS A 118 3.13 -37.66 11.72
CA HIS A 118 1.75 -38.12 11.79
C HIS A 118 1.10 -37.67 13.10
N PHE A 119 0.16 -36.74 13.05
CA PHE A 119 -0.51 -36.28 14.26
C PHE A 119 -1.72 -37.14 14.64
N SER A 120 -1.66 -37.72 15.83
CA SER A 120 -2.78 -38.45 16.41
C SER A 120 -3.85 -37.48 16.90
N GLU A 121 -5.04 -38.01 17.17
CA GLU A 121 -6.11 -37.16 17.71
C GLU A 121 -5.69 -36.56 19.05
N ASP A 122 -5.03 -37.37 19.87
CA ASP A 122 -4.55 -36.90 21.17
C ASP A 122 -3.48 -35.83 21.03
N HIS A 123 -2.78 -35.85 19.90
CA HIS A 123 -1.79 -34.81 19.62
C HIS A 123 -2.51 -33.49 19.34
N ILE A 124 -3.50 -33.56 18.46
CA ILE A 124 -4.34 -32.40 18.15
C ILE A 124 -5.05 -31.89 19.39
N LYS A 125 -5.54 -32.81 20.21
CA LYS A 125 -6.16 -32.46 21.48
C LYS A 125 -5.19 -31.65 22.34
N SER A 126 -3.91 -32.00 22.27
CA SER A 126 -2.88 -31.31 23.05
C SER A 126 -2.52 -29.97 22.41
N PHE A 127 -2.47 -29.93 21.08
CA PHE A 127 -2.09 -28.72 20.36
C PHE A 127 -3.10 -27.60 20.56
N MET A 128 -4.36 -27.91 20.27
CA MET A 128 -5.44 -26.93 20.35
C MET A 128 -5.61 -26.41 21.77
N LYS A 129 -5.56 -27.32 22.74
CA LYS A 129 -5.70 -26.96 24.14
C LYS A 129 -4.68 -25.89 24.52
N GLN A 130 -3.46 -26.04 24.02
CA GLN A 130 -2.41 -25.07 24.31
C GLN A 130 -2.66 -23.77 23.57
N LEU A 131 -2.96 -23.88 22.28
CA LEU A 131 -3.20 -22.72 21.44
C LEU A 131 -4.34 -21.87 21.99
N MET A 132 -5.43 -22.52 22.41
CA MET A 132 -6.59 -21.80 22.92
C MET A 132 -6.40 -21.25 24.32
N GLU A 133 -5.53 -21.85 25.11
CA GLU A 133 -5.29 -21.33 26.46
C GLU A 133 -4.42 -20.10 26.32
N GLY A 134 -3.61 -20.09 25.28
CA GLY A 134 -2.76 -18.95 24.99
C GLY A 134 -3.53 -17.83 24.32
N LEU A 135 -4.42 -18.18 23.41
CA LEU A 135 -5.21 -17.17 22.69
C LEU A 135 -6.28 -16.59 23.61
N GLU A 136 -6.82 -17.41 24.51
CA GLU A 136 -7.77 -16.95 25.52
C GLU A 136 -7.14 -15.87 26.38
N TYR A 137 -5.87 -16.08 26.70
CA TYR A 137 -5.09 -15.12 27.47
C TYR A 137 -4.98 -13.81 26.74
N CYS A 138 -4.72 -13.88 25.44
CA CYS A 138 -4.60 -12.69 24.61
C CYS A 138 -5.92 -11.94 24.56
N HIS A 139 -7.01 -12.67 24.36
CA HIS A 139 -8.32 -12.04 24.26
C HIS A 139 -8.83 -11.53 25.60
N LYS A 140 -8.50 -12.25 26.68
CA LYS A 140 -8.90 -11.83 28.02
C LYS A 140 -8.20 -10.53 28.42
N LYS A 141 -7.00 -10.33 27.89
CA LYS A 141 -6.27 -9.10 28.17
C LYS A 141 -6.39 -8.12 27.01
N ASN A 142 -7.45 -8.30 26.21
CA ASN A 142 -7.86 -7.35 25.17
C ASN A 142 -6.83 -7.07 24.07
N PHE A 143 -6.24 -8.13 23.51
CA PHE A 143 -5.37 -8.03 22.35
C PHE A 143 -5.82 -8.91 21.18
N LEU A 144 -5.83 -8.34 19.98
CA LEU A 144 -6.11 -9.10 18.75
C LEU A 144 -4.81 -9.54 18.10
N HIS A 145 -4.79 -10.74 17.53
CA HIS A 145 -3.58 -11.25 16.88
C HIS A 145 -3.53 -10.86 15.40
N ARG A 146 -4.61 -11.15 14.68
CA ARG A 146 -4.84 -10.72 13.30
C ARG A 146 -3.87 -11.27 12.24
N ASP A 147 -3.15 -12.34 12.54
CA ASP A 147 -2.30 -13.00 11.55
C ASP A 147 -1.99 -14.43 11.95
N ILE A 148 -3.02 -15.18 12.34
CA ILE A 148 -2.81 -16.55 12.75
C ILE A 148 -2.83 -17.48 11.55
N LYS A 149 -1.69 -18.13 11.33
CA LYS A 149 -1.54 -19.10 10.27
C LYS A 149 -0.68 -20.22 10.83
N CYS A 150 -0.56 -21.31 10.10
CA CYS A 150 0.24 -22.45 10.57
C CYS A 150 1.70 -22.06 10.71
N SER A 151 2.13 -21.17 9.82
CA SER A 151 3.50 -20.68 9.81
C SER A 151 3.83 -19.82 11.03
N ASN A 152 2.80 -19.37 11.73
CA ASN A 152 3.00 -18.53 12.91
C ASN A 152 2.74 -19.25 14.23
N ILE A 153 2.51 -20.56 14.15
CA ILE A 153 2.30 -21.36 15.35
C ILE A 153 3.48 -22.27 15.61
N LEU A 154 4.29 -21.92 16.62
CA LEU A 154 5.52 -22.66 16.86
C LEU A 154 5.29 -23.86 17.77
N LEU A 155 6.16 -24.85 17.64
CA LEU A 155 6.06 -26.10 18.39
C LEU A 155 7.42 -26.75 18.52
N ASN A 156 7.85 -26.97 19.76
CA ASN A 156 9.14 -27.60 20.01
C ASN A 156 9.02 -29.10 20.22
N ASN A 157 10.17 -29.76 20.32
CA ASN A 157 10.23 -31.22 20.41
C ASN A 157 9.62 -31.79 21.68
N SER A 158 9.54 -30.98 22.73
CA SER A 158 8.97 -31.43 23.99
C SER A 158 7.45 -31.49 23.91
N GLY A 159 6.91 -30.94 22.82
CA GLY A 159 5.47 -30.93 22.58
C GLY A 159 4.81 -29.62 22.97
N GLN A 160 5.61 -28.73 23.56
CA GLN A 160 5.10 -27.45 24.03
C GLN A 160 4.78 -26.55 22.84
N ILE A 161 3.56 -26.00 22.82
CA ILE A 161 3.12 -25.12 21.74
C ILE A 161 3.10 -23.65 22.17
N LYS A 162 3.63 -22.79 21.31
CA LYS A 162 3.65 -21.36 21.57
C LYS A 162 3.20 -20.55 20.36
N LEU A 163 2.37 -19.54 20.59
CA LEU A 163 1.85 -18.67 19.53
C LEU A 163 2.82 -17.53 19.25
N ALA A 164 3.10 -17.27 17.97
CA ALA A 164 4.14 -16.31 17.61
C ALA A 164 3.66 -15.22 16.63
N ASP A 165 4.57 -14.31 16.30
CA ASP A 165 4.34 -13.23 15.33
C ASP A 165 3.19 -12.30 15.72
N PHE A 166 3.50 -11.31 16.56
CA PHE A 166 2.52 -10.32 16.95
C PHE A 166 2.75 -9.01 16.20
N GLY A 167 3.08 -9.12 14.92
CA GLY A 167 3.39 -7.95 14.11
C GLY A 167 2.17 -7.20 13.63
N LEU A 168 1.00 -7.82 13.73
CA LEU A 168 -0.25 -7.16 13.34
C LEU A 168 -1.15 -7.04 14.56
N ALA A 169 -0.61 -7.43 15.70
CA ALA A 169 -1.41 -7.50 16.92
C ALA A 169 -1.71 -6.11 17.46
N ARG A 170 -2.96 -5.89 17.86
CA ARG A 170 -3.39 -4.60 18.37
C ARG A 170 -4.37 -4.69 19.54
N LEU A 171 -4.36 -3.66 20.40
CA LEU A 171 -5.25 -3.62 21.55
C LEU A 171 -6.71 -3.44 21.12
N TYR A 172 -7.63 -3.95 21.93
CA TYR A 172 -9.04 -3.98 21.54
C TYR A 172 -9.93 -3.47 22.68
N ASN A 173 -10.94 -2.67 22.35
CA ASN A 173 -11.92 -2.25 23.35
C ASN A 173 -13.32 -2.65 22.91
N SER A 174 -14.09 -3.20 23.85
CA SER A 174 -15.38 -3.80 23.50
C SER A 174 -16.40 -2.74 23.08
N GLU A 175 -16.27 -1.56 23.67
CA GLU A 175 -17.11 -0.42 23.34
C GLU A 175 -16.51 0.35 22.16
N GLU A 176 -16.35 -0.35 21.03
CA GLU A 176 -15.76 0.17 19.77
C GLU A 176 -15.47 1.67 19.73
N ARG A 178 -14.92 1.72 15.99
CA ARG A 178 -13.54 2.10 16.00
C ARG A 178 -12.84 1.68 14.70
N PRO A 179 -11.81 2.47 14.30
CA PRO A 179 -10.98 2.21 13.13
C PRO A 179 -10.25 0.89 13.22
N TYR A 180 -10.10 0.21 12.06
CA TYR A 180 -9.25 -0.99 11.90
C TYR A 180 -8.94 -1.24 10.43
N ASN A 182 -8.69 -3.55 7.18
CA ASN A 182 -9.57 -4.62 6.73
C ASN A 182 -8.79 -5.77 6.08
N LYS A 183 -7.83 -5.42 5.22
CA LYS A 183 -6.99 -6.43 4.57
C LYS A 183 -6.03 -7.06 5.57
N VAL A 184 -6.58 -7.72 6.59
CA VAL A 184 -5.79 -8.38 7.63
C VAL A 184 -5.95 -9.90 7.56
N ILE A 185 -4.98 -10.62 8.14
CA ILE A 185 -4.90 -12.09 8.10
C ILE A 185 -4.71 -12.62 6.68
N THR A 186 -3.87 -13.63 6.54
CA THR A 186 -3.70 -14.30 5.25
C THR A 186 -5.04 -14.82 4.77
N LEU A 187 -5.25 -14.79 3.45
CA LEU A 187 -6.54 -15.10 2.86
C LEU A 187 -7.09 -16.47 3.24
N TRP A 188 -6.21 -17.47 3.31
CA TRP A 188 -6.60 -18.84 3.60
C TRP A 188 -7.16 -18.96 5.02
N TYR A 189 -6.79 -18.02 5.89
CA TYR A 189 -7.25 -18.04 7.27
C TYR A 189 -8.13 -16.83 7.64
N ARG A 190 -8.72 -16.16 6.66
CA ARG A 190 -9.50 -14.94 6.91
C ARG A 190 -11.01 -15.20 7.07
N PRO A 191 -11.59 -14.71 8.18
CA PRO A 191 -13.01 -14.86 8.53
C PRO A 191 -13.96 -14.14 7.58
N PRO A 192 -15.25 -14.55 7.55
CA PRO A 192 -16.24 -14.01 6.61
C PRO A 192 -16.48 -12.51 6.72
N GLU A 193 -16.47 -11.96 7.93
CA GLU A 193 -16.79 -10.55 8.11
C GLU A 193 -15.72 -9.64 7.51
N LEU A 194 -14.47 -10.09 7.54
CA LEU A 194 -13.37 -9.30 7.00
C LEU A 194 -13.36 -9.37 5.48
N LEU A 195 -13.88 -10.46 4.93
CA LEU A 195 -14.04 -10.62 3.49
C LEU A 195 -15.06 -9.64 2.95
N LEU A 196 -16.08 -9.38 3.77
CA LEU A 196 -17.17 -8.48 3.39
C LEU A 196 -16.85 -7.03 3.71
N GLY A 197 -15.68 -6.79 4.31
CA GLY A 197 -15.20 -5.42 4.48
C GLY A 197 -15.44 -4.81 5.84
N GLU A 198 -15.64 -5.64 6.86
CA GLU A 198 -15.85 -5.13 8.21
C GLU A 198 -14.66 -4.37 8.77
N GLU A 199 -14.94 -3.20 9.34
CA GLU A 199 -13.90 -2.38 9.94
C GLU A 199 -13.86 -2.53 11.46
N ARG A 200 -15.03 -2.53 12.11
CA ARG A 200 -15.06 -2.67 13.57
C ARG A 200 -15.37 -4.10 14.01
N TYR A 201 -14.33 -4.94 14.06
CA TYR A 201 -14.51 -6.35 14.36
C TYR A 201 -14.12 -6.76 15.79
N THR A 202 -14.38 -8.02 16.11
CA THR A 202 -14.19 -8.57 17.43
C THR A 202 -13.03 -9.59 17.44
N PRO A 203 -12.58 -10.01 18.63
CA PRO A 203 -11.59 -11.10 18.74
C PRO A 203 -12.02 -12.41 18.06
N ALA A 204 -13.30 -12.52 17.70
CA ALA A 204 -13.79 -13.73 17.05
C ALA A 204 -13.25 -13.89 15.63
N ILE A 205 -12.36 -12.99 15.20
CA ILE A 205 -11.71 -13.15 13.91
C ILE A 205 -10.54 -14.11 14.06
N ASP A 206 -9.95 -14.14 15.25
CA ASP A 206 -8.86 -15.07 15.54
C ASP A 206 -9.38 -16.49 15.73
N VAL A 207 -10.60 -16.60 16.25
CA VAL A 207 -11.21 -17.91 16.47
C VAL A 207 -11.48 -18.61 15.15
N TRP A 208 -11.83 -17.82 14.12
CA TRP A 208 -12.05 -18.38 12.80
C TRP A 208 -10.77 -18.97 12.22
N SER A 209 -9.67 -18.22 12.33
CA SER A 209 -8.38 -18.67 11.82
C SER A 209 -7.98 -19.98 12.51
N CYS A 210 -8.24 -20.06 13.81
CA CYS A 210 -7.95 -21.26 14.57
C CYS A 210 -8.86 -22.42 14.16
N GLY A 211 -10.05 -22.10 13.67
CA GLY A 211 -10.96 -23.11 13.18
C GLY A 211 -10.43 -23.75 11.91
N CYS A 212 -9.85 -22.92 11.04
CA CYS A 212 -9.26 -23.40 9.79
C CYS A 212 -8.04 -24.27 10.07
N ILE A 213 -7.49 -24.13 11.27
CA ILE A 213 -6.31 -24.88 11.67
C ILE A 213 -6.73 -26.20 12.32
N LEU A 214 -7.85 -26.18 13.03
CA LEU A 214 -8.44 -27.42 13.55
C LEU A 214 -8.77 -28.31 12.37
N GLY A 215 -9.22 -27.69 11.28
CA GLY A 215 -9.52 -28.41 10.06
C GLY A 215 -8.31 -28.82 9.26
N GLU A 216 -7.22 -28.05 9.36
CA GLU A 216 -6.00 -28.37 8.63
C GLU A 216 -5.22 -29.50 9.31
N LEU A 217 -5.37 -29.60 10.62
CA LEU A 217 -4.68 -30.64 11.38
C LEU A 217 -5.26 -32.01 11.06
N PHE A 218 -6.46 -32.04 10.50
CA PHE A 218 -7.08 -33.30 10.10
C PHE A 218 -6.88 -33.60 8.61
N THR A 219 -7.10 -32.61 7.76
CA THR A 219 -6.98 -32.82 6.31
C THR A 219 -5.55 -32.69 5.78
N LYS A 220 -4.64 -32.23 6.64
CA LYS A 220 -3.23 -32.02 6.28
C LYS A 220 -3.08 -30.98 5.15
N LYS A 221 -4.18 -30.32 4.79
CA LYS A 221 -4.18 -29.30 3.77
C LYS A 221 -5.10 -28.15 4.16
N PRO A 222 -4.76 -26.92 3.77
CA PRO A 222 -5.62 -25.76 4.06
C PRO A 222 -7.02 -25.97 3.49
N ILE A 223 -8.04 -25.77 4.31
CA ILE A 223 -9.40 -26.11 3.94
C ILE A 223 -10.00 -25.05 3.02
N PHE A 224 -9.40 -23.87 2.99
CA PHE A 224 -9.81 -22.82 2.08
C PHE A 224 -8.61 -22.30 1.32
N GLN A 225 -8.56 -22.53 0.01
CA GLN A 225 -7.38 -22.21 -0.77
C GLN A 225 -7.70 -21.53 -2.10
N ALA A 226 -8.08 -20.25 -2.03
CA ALA A 226 -8.31 -19.45 -3.21
C ALA A 226 -7.22 -18.40 -3.36
N ASN A 227 -7.33 -17.54 -4.37
CA ASN A 227 -6.33 -16.52 -4.60
C ASN A 227 -6.86 -15.12 -4.29
N LEU A 228 -8.14 -14.91 -4.58
CA LEU A 228 -8.80 -13.64 -4.28
C LEU A 228 -10.05 -13.85 -3.42
N GLU A 229 -10.43 -12.82 -2.67
CA GLU A 229 -11.46 -12.95 -1.62
C GLU A 229 -12.82 -13.46 -2.09
N LEU A 230 -13.28 -13.01 -3.25
CA LEU A 230 -14.59 -13.46 -3.74
C LEU A 230 -14.54 -14.95 -4.03
N ALA A 231 -13.47 -15.37 -4.69
CA ALA A 231 -13.27 -16.79 -4.96
C ALA A 231 -13.08 -17.55 -3.64
N GLN A 232 -12.54 -16.84 -2.66
CA GLN A 232 -12.36 -17.38 -1.31
C GLN A 232 -13.68 -17.38 -0.57
N LEU A 233 -14.50 -16.37 -0.84
CA LEU A 233 -15.82 -16.27 -0.22
C LEU A 233 -16.69 -17.43 -0.69
N GLU A 234 -16.58 -17.78 -1.96
CA GLU A 234 -17.36 -18.88 -2.52
C GLU A 234 -16.94 -20.20 -1.87
N LEU A 235 -15.64 -20.38 -1.68
CA LEU A 235 -15.10 -21.56 -1.01
C LEU A 235 -15.56 -21.71 0.43
N ILE A 236 -15.61 -20.60 1.16
CA ILE A 236 -16.11 -20.61 2.52
C ILE A 236 -17.61 -20.83 2.54
N SER A 237 -18.30 -20.15 1.63
CA SER A 237 -19.74 -20.26 1.49
C SER A 237 -20.17 -21.66 1.06
N ARG A 238 -19.34 -22.32 0.25
CA ARG A 238 -19.66 -23.64 -0.28
C ARG A 238 -19.67 -24.71 0.81
N LEU A 239 -19.14 -24.39 1.98
CA LEU A 239 -19.02 -25.38 3.04
C LEU A 239 -19.86 -25.00 4.27
N CYS A 240 -19.64 -23.79 4.77
CA CYS A 240 -20.34 -23.34 5.97
C CYS A 240 -21.67 -22.67 5.66
N GLY A 241 -22.04 -22.64 4.38
CA GLY A 241 -23.23 -21.94 3.95
C GLY A 241 -22.93 -20.50 3.61
N SER A 242 -23.83 -19.86 2.89
CA SER A 242 -23.65 -18.48 2.44
C SER A 242 -24.08 -17.45 3.47
N PRO A 243 -23.38 -16.30 3.50
CA PRO A 243 -23.77 -15.17 4.36
C PRO A 243 -25.12 -14.60 3.94
N CYS A 244 -26.09 -14.61 4.85
CA CYS A 244 -27.42 -14.11 4.57
C CYS A 244 -28.09 -13.73 5.88
N PRO A 245 -29.08 -12.83 5.84
CA PRO A 245 -29.73 -12.33 7.06
C PRO A 245 -30.31 -13.44 7.95
N ALA A 246 -30.65 -14.58 7.36
CA ALA A 246 -31.21 -15.70 8.11
C ALA A 246 -30.21 -16.24 9.13
N VAL A 247 -29.04 -16.64 8.66
CA VAL A 247 -27.98 -17.18 9.51
C VAL A 247 -27.21 -16.07 10.22
N TRP A 248 -27.21 -14.87 9.63
CA TRP A 248 -26.32 -13.81 10.05
C TRP A 248 -27.14 -12.52 10.03
N PRO A 249 -27.65 -12.13 11.20
CA PRO A 249 -28.58 -11.01 11.34
C PRO A 249 -28.00 -9.68 10.87
N ASP A 250 -26.78 -9.37 11.32
CA ASP A 250 -26.21 -8.05 11.09
C ASP A 250 -25.31 -8.07 9.85
N VAL A 251 -25.61 -8.93 8.90
CA VAL A 251 -24.78 -9.06 7.70
C VAL A 251 -25.03 -7.92 6.74
N ILE A 252 -26.21 -7.30 6.84
CA ILE A 252 -26.59 -6.22 5.94
C ILE A 252 -25.74 -4.97 6.17
N LYS A 253 -25.20 -4.85 7.38
CA LYS A 253 -24.41 -3.69 7.76
C LYS A 253 -22.96 -3.78 7.26
N LEU A 254 -22.66 -4.82 6.48
CA LEU A 254 -21.32 -4.98 5.91
C LEU A 254 -21.26 -4.43 4.49
N PRO A 255 -20.25 -3.60 4.21
CA PRO A 255 -20.03 -2.85 2.96
C PRO A 255 -20.12 -3.69 1.68
N TYR A 256 -19.29 -4.72 1.55
CA TYR A 256 -19.19 -5.46 0.31
C TYR A 256 -20.21 -6.58 0.20
N PHE A 257 -21.20 -6.60 1.08
CA PHE A 257 -22.18 -7.68 1.08
C PHE A 257 -23.02 -7.62 -0.19
N ASN A 258 -23.67 -6.48 -0.44
CA ASN A 258 -24.53 -6.34 -1.62
C ASN A 258 -23.74 -6.44 -2.92
N THR A 259 -22.42 -6.30 -2.83
CA THR A 259 -21.55 -6.42 -4.00
C THR A 259 -20.99 -7.82 -4.15
N MET A 260 -20.33 -8.28 -3.09
CA MET A 260 -19.67 -9.57 -3.10
C MET A 260 -20.64 -10.65 -2.65
N LYS A 261 -21.46 -11.09 -3.59
CA LYS A 261 -22.44 -12.13 -3.30
C LYS A 261 -21.88 -13.44 -3.84
N PRO A 262 -22.16 -14.53 -3.15
CA PRO A 262 -21.69 -15.86 -3.57
C PRO A 262 -22.36 -16.37 -4.84
N LYS A 263 -21.86 -17.50 -5.33
CA LYS A 263 -22.36 -18.12 -6.55
C LYS A 263 -23.80 -18.61 -6.33
N LYS A 264 -24.09 -19.10 -5.13
CA LYS A 264 -25.43 -19.55 -4.76
C LYS A 264 -25.77 -19.25 -3.29
N GLN A 265 -27.00 -19.57 -2.89
CA GLN A 265 -27.38 -19.51 -1.48
C GLN A 265 -27.17 -20.90 -0.87
N TYR A 266 -25.90 -21.25 -0.66
CA TYR A 266 -25.51 -22.58 -0.19
C TYR A 266 -26.08 -22.92 1.18
N ARG A 267 -26.56 -24.15 1.35
CA ARG A 267 -26.90 -24.68 2.67
C ARG A 267 -25.65 -25.23 3.36
N ARG A 268 -25.57 -25.10 4.68
CA ARG A 268 -24.38 -25.50 5.40
C ARG A 268 -24.17 -27.02 5.30
N ARG A 269 -23.12 -27.40 4.60
CA ARG A 269 -22.83 -28.80 4.30
C ARG A 269 -21.58 -29.24 5.05
N LEU A 270 -21.29 -28.57 6.15
CA LEU A 270 -20.04 -28.72 6.87
C LEU A 270 -19.85 -30.10 7.49
N ARG A 271 -20.81 -30.50 8.32
CA ARG A 271 -20.76 -31.77 9.04
C ARG A 271 -20.77 -32.96 8.11
N GLU A 272 -21.25 -32.75 6.90
CA GLU A 272 -21.34 -33.82 5.92
C GLU A 272 -19.96 -34.15 5.39
N GLU A 273 -19.13 -33.13 5.18
CA GLU A 273 -17.82 -33.34 4.57
C GLU A 273 -16.68 -33.56 5.57
N PHE A 274 -16.87 -33.14 6.82
CA PHE A 274 -15.88 -33.39 7.88
C PHE A 274 -16.40 -34.45 8.86
N SER A 275 -17.15 -35.41 8.33
CA SER A 275 -17.79 -36.44 9.14
C SER A 275 -16.80 -37.45 9.72
N PHE A 276 -15.64 -37.60 9.07
CA PHE A 276 -14.61 -38.54 9.52
C PHE A 276 -13.95 -38.06 10.82
N ILE A 277 -14.10 -36.78 11.12
CA ILE A 277 -13.57 -36.21 12.34
C ILE A 277 -14.26 -36.82 13.54
N PRO A 278 -13.50 -37.14 14.61
CA PRO A 278 -14.06 -37.59 15.89
C PRO A 278 -15.29 -36.77 16.31
N SER A 279 -16.25 -37.42 16.97
CA SER A 279 -17.55 -36.80 17.27
C SER A 279 -17.42 -35.42 17.92
N ALA A 280 -16.64 -35.34 18.99
CA ALA A 280 -16.50 -34.09 19.74
C ALA A 280 -15.66 -33.03 19.02
N ALA A 281 -14.70 -33.46 18.21
CA ALA A 281 -13.83 -32.53 17.49
C ALA A 281 -14.57 -31.83 16.34
N LEU A 282 -15.49 -32.56 15.71
CA LEU A 282 -16.29 -32.00 14.63
C LEU A 282 -17.30 -30.99 15.17
N ASP A 283 -17.79 -31.23 16.38
CA ASP A 283 -18.72 -30.32 17.04
C ASP A 283 -18.05 -28.98 17.33
N LEU A 284 -16.78 -29.05 17.75
CA LEU A 284 -15.99 -27.86 18.02
C LEU A 284 -15.76 -27.08 16.74
N LEU A 285 -15.40 -27.79 15.68
CA LEU A 285 -15.15 -27.19 14.38
C LEU A 285 -16.41 -26.49 13.87
N ASP A 286 -17.56 -27.08 14.15
CA ASP A 286 -18.85 -26.52 13.76
C ASP A 286 -19.07 -25.15 14.39
N HIS A 287 -18.70 -25.03 15.66
CA HIS A 287 -18.95 -23.82 16.43
C HIS A 287 -17.97 -22.72 16.03
N MET A 288 -16.72 -23.10 15.84
CA MET A 288 -15.65 -22.18 15.49
C MET A 288 -15.76 -21.65 14.06
N LEU A 289 -16.45 -22.37 13.19
CA LEU A 289 -16.55 -21.94 11.80
C LEU A 289 -17.98 -21.49 11.47
N THR A 290 -18.60 -20.80 12.41
CA THR A 290 -19.89 -20.17 12.17
C THR A 290 -19.64 -18.79 11.58
N LEU A 291 -20.48 -18.39 10.63
CA LEU A 291 -20.29 -17.15 9.89
C LEU A 291 -20.47 -15.89 10.75
N ASP A 292 -21.57 -15.80 11.48
CA ASP A 292 -21.82 -14.66 12.35
C ASP A 292 -20.90 -14.69 13.58
N PRO A 293 -19.96 -13.74 13.67
CA PRO A 293 -18.96 -13.68 14.74
C PRO A 293 -19.57 -13.56 16.13
N SER A 294 -20.78 -13.01 16.22
CA SER A 294 -21.46 -12.89 17.50
C SER A 294 -22.00 -14.24 17.95
N LYS A 295 -22.39 -15.06 16.96
CA LYS A 295 -22.87 -16.42 17.24
C LYS A 295 -21.71 -17.40 17.24
N ARG A 296 -20.52 -16.90 16.93
CA ARG A 296 -19.31 -17.72 16.88
C ARG A 296 -18.80 -18.01 18.30
N CYS A 297 -17.89 -18.98 18.40
CA CYS A 297 -17.36 -19.44 19.67
C CYS A 297 -16.29 -18.52 20.25
N THR A 298 -16.22 -18.43 21.57
CA THR A 298 -15.17 -17.69 22.25
C THR A 298 -14.02 -18.63 22.56
N ALA A 299 -12.80 -18.10 22.64
CA ALA A 299 -11.63 -18.91 22.99
C ALA A 299 -11.85 -19.60 24.32
N GLU A 300 -12.44 -18.86 25.25
CA GLU A 300 -12.82 -19.38 26.56
C GLU A 300 -13.79 -20.56 26.42
N GLN A 301 -14.70 -20.47 25.46
CA GLN A 301 -15.71 -21.49 25.29
C GLN A 301 -15.12 -22.77 24.69
N THR A 302 -14.06 -22.61 23.90
CA THR A 302 -13.40 -23.76 23.28
C THR A 302 -12.78 -24.67 24.34
N LEU A 303 -12.36 -24.08 25.47
CA LEU A 303 -11.79 -24.86 26.55
C LEU A 303 -12.88 -25.52 27.37
N GLN A 304 -14.13 -25.19 27.05
CA GLN A 304 -15.29 -25.80 27.70
C GLN A 304 -15.92 -26.81 26.75
N SER A 305 -15.33 -26.96 25.57
CA SER A 305 -15.81 -27.93 24.58
C SER A 305 -15.58 -29.36 25.03
N ASP A 306 -16.39 -30.28 24.52
CA ASP A 306 -16.25 -31.69 24.87
C ASP A 306 -14.91 -32.23 24.41
N PHE A 307 -14.34 -31.60 23.38
CA PHE A 307 -13.11 -32.06 22.77
C PHE A 307 -11.85 -31.54 23.47
N LEU A 308 -12.00 -30.55 24.34
CA LEU A 308 -10.84 -29.95 25.00
C LEU A 308 -10.99 -29.81 26.52
N LYS A 309 -12.21 -29.93 27.03
CA LYS A 309 -12.50 -29.71 28.45
C LYS A 309 -11.73 -30.67 29.37
N ASP A 310 -11.59 -31.93 28.97
CA ASP A 310 -10.97 -32.92 29.86
C ASP A 310 -9.57 -33.30 29.42
N VAL A 311 -9.00 -32.54 28.50
CA VAL A 311 -7.60 -32.75 28.15
C VAL A 311 -6.71 -32.41 29.32
N GLU A 312 -6.24 -33.42 30.04
CA GLU A 312 -5.31 -33.19 31.12
C GLU A 312 -4.03 -32.93 30.35
N LEU A 313 -3.63 -31.66 30.31
CA LEU A 313 -2.60 -31.25 29.37
C LEU A 313 -1.24 -31.82 29.69
N SER A 314 -0.89 -31.90 30.98
CA SER A 314 0.39 -32.43 31.38
C SER A 314 0.44 -33.97 31.38
N LYS A 315 -0.70 -34.61 31.08
CA LYS A 315 -0.76 -36.07 31.11
C LYS A 315 -0.78 -36.66 29.70
N MET A 316 -0.13 -35.97 28.76
CA MET A 316 -0.08 -36.44 27.38
C MET A 316 1.36 -36.59 26.91
N ALA A 317 1.69 -37.72 26.30
CA ALA A 317 3.03 -37.86 25.73
C ALA A 317 3.14 -36.95 24.52
N PRO A 318 4.32 -36.33 24.34
CA PRO A 318 4.60 -35.41 23.24
C PRO A 318 4.50 -36.09 21.89
N PRO A 319 4.52 -35.32 20.79
CA PRO A 319 4.40 -35.99 19.48
C PRO A 319 5.75 -36.48 18.97
N ASP A 320 5.73 -37.45 18.05
CA ASP A 320 6.97 -37.91 17.47
C ASP A 320 7.41 -36.88 16.43
N LEU A 321 8.20 -35.92 16.89
CA LEU A 321 8.74 -34.82 16.08
C LEU A 321 10.22 -35.01 15.80
N PRO A 322 10.64 -34.76 14.56
CA PRO A 322 12.00 -35.07 14.13
C PRO A 322 13.08 -34.23 14.80
N HIS A 323 14.01 -34.90 15.48
CA HIS A 323 15.05 -34.20 16.24
C HIS A 323 16.30 -33.98 15.39
N TRP A 324 16.27 -34.44 14.14
CA TRP A 324 17.40 -34.24 13.24
C TRP A 324 17.11 -33.18 12.18
N GLN A 325 15.97 -32.52 12.28
CA GLN A 325 15.58 -31.53 11.28
C GLN A 325 14.52 -30.57 11.82
N ASP A 326 14.90 -29.29 11.98
CA ASP A 326 13.97 -28.27 12.43
C ASP A 326 13.07 -27.84 11.28
N CYS A 327 11.86 -28.38 11.24
CA CYS A 327 10.96 -28.19 10.10
C CYS A 327 10.23 -26.85 10.10
N HIS A 328 10.89 -25.82 9.60
CA HIS A 328 10.27 -24.50 9.51
C HIS A 328 9.65 -24.21 8.14
N GLU A 329 9.09 -23.01 7.98
CA GLU A 329 8.43 -22.61 6.73
C GLU A 329 9.40 -22.39 5.57
N LEU A 330 10.43 -21.57 5.78
CA LEU A 330 11.41 -21.31 4.72
C LEU A 330 12.08 -22.60 4.29
N TRP A 331 12.43 -23.42 5.28
CA TRP A 331 13.09 -24.69 5.00
C TRP A 331 12.21 -25.63 4.20
N SER A 332 10.92 -25.62 4.49
CA SER A 332 9.96 -26.44 3.74
C SER A 332 9.74 -25.91 2.34
N LYS A 333 9.56 -24.60 2.21
CA LYS A 333 9.31 -23.99 0.91
C LYS A 333 10.53 -23.97 -0.01
N LYS A 334 11.72 -23.87 0.57
CA LYS A 334 12.97 -23.83 -0.19
C LYS A 334 13.44 -25.23 -0.54
N ARG A 335 12.49 -26.05 -0.96
CA ARG A 335 12.79 -27.41 -1.42
C ARG A 335 12.86 -27.47 -2.93
N ARG A 336 14.08 -27.62 -3.46
CA ARG A 336 14.25 -27.90 -4.88
C ARG A 336 13.56 -29.23 -5.18
N ARG A 337 13.70 -30.16 -4.25
CA ARG A 337 12.95 -31.42 -4.20
C ARG A 337 13.33 -32.43 -5.29
N GLN A 338 14.46 -32.20 -5.95
CA GLN A 338 14.96 -33.14 -6.95
C GLN A 338 16.44 -33.40 -6.77
N THR B 12 12.61 -8.07 34.34
CA THR B 12 11.31 -7.43 34.30
C THR B 12 11.38 -6.02 33.72
N LYS B 13 10.36 -5.21 34.00
CA LYS B 13 10.27 -3.87 33.45
C LYS B 13 10.97 -2.83 34.33
N PRO B 14 11.61 -1.83 33.70
CA PRO B 14 12.32 -0.75 34.41
C PRO B 14 11.38 0.24 35.10
N CYS B 15 11.92 1.00 36.04
CA CYS B 15 11.13 1.97 36.79
C CYS B 15 11.33 3.38 36.23
N TRP B 16 10.24 4.15 36.17
CA TRP B 16 10.28 5.46 35.54
C TRP B 16 9.74 6.57 36.44
N TYR B 17 9.94 6.44 37.75
CA TYR B 17 9.46 7.43 38.68
C TYR B 17 10.55 7.84 39.68
N TRP B 18 10.89 9.12 39.66
CA TRP B 18 11.88 9.66 40.58
C TRP B 18 11.19 10.50 41.66
N ASP B 19 11.88 10.68 42.78
CA ASP B 19 11.41 11.60 43.81
C ASP B 19 11.99 12.99 43.54
N LYS B 20 11.36 14.02 44.11
CA LYS B 20 11.73 15.40 43.85
C LYS B 20 13.21 15.69 44.11
N LYS B 21 13.79 14.99 45.08
CA LYS B 21 15.18 15.19 45.45
C LYS B 21 16.14 14.76 44.33
N ASP B 22 15.71 13.82 43.49
CA ASP B 22 16.57 13.28 42.44
C ASP B 22 16.28 13.95 41.10
N LEU B 23 15.18 14.71 41.05
CA LEU B 23 14.81 15.39 39.82
C LEU B 23 15.63 16.66 39.69
N ALA B 24 16.29 17.05 40.78
CA ALA B 24 17.23 18.17 40.77
C ALA B 24 18.64 17.66 40.48
N HIS B 25 18.72 16.42 40.00
CA HIS B 25 20.00 15.81 39.68
C HIS B 25 19.96 15.21 38.29
N THR B 26 19.31 15.90 37.36
CA THR B 26 19.31 15.51 35.97
C THR B 26 20.71 15.70 35.41
N PRO B 27 21.05 14.96 34.34
CA PRO B 27 22.35 15.14 33.69
C PRO B 27 22.59 16.59 33.27
N SER B 28 21.54 17.31 32.89
CA SER B 28 21.64 18.72 32.54
C SER B 28 22.19 19.55 33.70
N GLN B 29 21.51 19.49 34.84
CA GLN B 29 21.90 20.29 36.00
C GLN B 29 23.23 19.85 36.60
N LEU B 30 23.44 18.55 36.67
CA LEU B 30 24.71 18.02 37.19
C LEU B 30 25.86 18.42 36.28
N GLU B 31 25.53 18.66 35.01
CA GLU B 31 26.50 19.18 34.04
C GLU B 31 26.56 20.70 34.15
N GLY B 32 25.96 21.24 35.20
CA GLY B 32 26.00 22.66 35.46
C GLY B 32 25.01 23.47 34.64
N LEU B 33 23.72 23.22 34.84
CA LEU B 33 22.71 23.99 34.14
C LEU B 33 21.72 24.62 35.11
N ASP B 34 21.39 25.89 34.87
CA ASP B 34 20.36 26.59 35.62
C ASP B 34 19.03 25.86 35.50
N PRO B 35 18.49 25.39 36.63
CA PRO B 35 17.22 24.64 36.66
C PRO B 35 16.06 25.38 36.01
N ALA B 36 16.03 26.71 36.14
CA ALA B 36 14.94 27.50 35.58
C ALA B 36 14.90 27.39 34.06
N THR B 37 16.07 27.19 33.45
CA THR B 37 16.15 27.06 32.01
C THR B 37 15.96 25.61 31.57
N GLU B 38 16.35 24.65 32.41
CA GLU B 38 16.02 23.27 32.12
C GLU B 38 14.52 23.09 32.20
N ALA B 39 13.95 23.56 33.31
CA ALA B 39 12.51 23.55 33.48
C ALA B 39 11.86 24.26 32.30
N ARG B 40 12.49 25.35 31.85
CA ARG B 40 12.03 26.07 30.67
C ARG B 40 12.05 25.17 29.44
N TYR B 41 13.24 24.66 29.10
CA TYR B 41 13.42 23.79 27.94
C TYR B 41 12.44 22.62 27.93
N ARG B 42 12.09 22.12 29.11
CA ARG B 42 11.13 21.04 29.21
C ARG B 42 9.73 21.51 28.79
N ARG B 43 9.25 22.63 29.35
CA ARG B 43 7.94 23.14 28.96
C ARG B 43 7.94 23.52 27.49
N GLU B 44 9.07 24.04 27.02
CA GLU B 44 9.23 24.38 25.62
C GLU B 44 9.12 23.12 24.76
N GLY B 45 9.99 22.16 25.03
CA GLY B 45 10.00 20.90 24.30
C GLY B 45 8.68 20.15 24.35
N ALA B 46 8.09 20.08 25.53
CA ALA B 46 6.81 19.40 25.71
C ALA B 46 5.69 20.07 24.92
N ARG B 47 5.52 21.38 25.13
CA ARG B 47 4.50 22.16 24.44
C ARG B 47 4.68 22.11 22.94
N PHE B 48 5.94 21.97 22.51
CA PHE B 48 6.27 21.84 21.10
C PHE B 48 5.63 20.61 20.48
N ILE B 49 5.78 19.47 21.14
CA ILE B 49 5.23 18.21 20.65
C ILE B 49 3.71 18.29 20.56
N PHE B 50 3.10 18.89 21.57
CA PHE B 50 1.64 18.98 21.65
C PHE B 50 1.05 19.73 20.46
N ASP B 51 1.77 20.73 19.97
CA ASP B 51 1.29 21.56 18.86
C ASP B 51 1.55 20.90 17.51
N VAL B 52 2.74 20.32 17.35
CA VAL B 52 3.08 19.62 16.12
C VAL B 52 2.07 18.49 15.89
N GLY B 53 1.65 17.86 16.98
CA GLY B 53 0.70 16.78 16.92
C GLY B 53 -0.72 17.21 16.58
N THR B 54 -1.22 18.21 17.31
CA THR B 54 -2.60 18.66 17.11
C THR B 54 -2.82 19.34 15.77
N ARG B 55 -1.74 19.87 15.17
CA ARG B 55 -1.86 20.45 13.84
C ARG B 55 -1.90 19.32 12.81
N LEU B 56 -1.10 18.29 13.07
CA LEU B 56 -1.14 17.08 12.25
C LEU B 56 -2.41 16.29 12.53
N GLY B 57 -3.11 16.67 13.59
CA GLY B 57 -4.38 16.06 13.94
C GLY B 57 -4.24 14.67 14.52
N LEU B 58 -3.44 14.53 15.56
CA LEU B 58 -3.19 13.23 16.18
C LEU B 58 -3.91 13.11 17.52
N HIS B 59 -4.24 11.87 17.87
CA HIS B 59 -4.93 11.55 19.12
C HIS B 59 -4.19 12.09 20.34
N TYR B 60 -4.92 12.26 21.44
CA TYR B 60 -4.35 12.89 22.63
C TYR B 60 -3.39 11.98 23.40
N ASP B 61 -3.60 10.67 23.30
CA ASP B 61 -2.70 9.72 23.94
C ASP B 61 -1.37 9.64 23.19
N THR B 62 -1.42 9.89 21.88
CA THR B 62 -0.21 9.94 21.07
C THR B 62 0.64 11.15 21.46
N LEU B 63 -0.03 12.27 21.72
CA LEU B 63 0.62 13.47 22.20
C LEU B 63 1.34 13.21 23.52
N ALA B 64 0.63 12.55 24.43
CA ALA B 64 1.13 12.30 25.78
C ALA B 64 2.28 11.30 25.78
N THR B 65 2.14 10.23 25.00
CA THR B 65 3.18 9.21 24.93
C THR B 65 4.50 9.81 24.45
N GLY B 66 4.42 10.68 23.44
CA GLY B 66 5.59 11.35 22.93
C GLY B 66 6.26 12.25 23.96
N ILE B 67 5.45 12.96 24.72
CA ILE B 67 5.93 13.85 25.78
C ILE B 67 6.59 13.07 26.91
N ILE B 68 5.97 11.96 27.33
CA ILE B 68 6.51 11.16 28.42
C ILE B 68 7.86 10.55 28.02
N TYR B 69 7.97 10.14 26.75
CA TYR B 69 9.26 9.72 26.20
C TYR B 69 10.28 10.85 26.35
N PHE B 70 9.87 12.04 25.93
CA PHE B 70 10.70 13.24 25.98
C PHE B 70 11.24 13.53 27.38
N HIS B 71 10.34 13.65 28.35
CA HIS B 71 10.73 13.86 29.74
C HIS B 71 11.65 12.75 30.24
N ARG B 72 11.34 11.51 29.84
CA ARG B 72 12.14 10.37 30.25
C ARG B 72 13.52 10.40 29.60
N PHE B 73 13.55 10.82 28.34
CA PHE B 73 14.79 10.86 27.57
C PHE B 73 15.84 11.77 28.22
N TYR B 74 15.42 12.94 28.68
CA TYR B 74 16.35 13.91 29.22
C TYR B 74 16.65 13.69 30.70
N MET B 75 16.33 12.51 31.19
CA MET B 75 16.74 12.09 32.52
C MET B 75 18.03 11.29 32.38
N PHE B 76 18.43 11.05 31.14
CA PHE B 76 19.65 10.31 30.83
C PHE B 76 20.53 11.09 29.86
N HIS B 77 20.09 12.30 29.51
CA HIS B 77 20.84 13.15 28.59
C HIS B 77 20.68 14.63 28.93
N SER B 78 21.61 15.45 28.44
CA SER B 78 21.56 16.89 28.66
C SER B 78 20.99 17.60 27.45
N PHE B 79 20.35 18.75 27.68
CA PHE B 79 19.79 19.55 26.59
C PHE B 79 20.89 20.15 25.73
N LYS B 80 22.11 20.18 26.26
CA LYS B 80 23.26 20.68 25.54
C LYS B 80 23.65 19.72 24.42
N GLN B 81 23.75 18.45 24.75
CA GLN B 81 24.19 17.44 23.80
C GLN B 81 23.09 17.04 22.82
N PHE B 82 21.84 17.35 23.16
CA PHE B 82 20.71 17.01 22.30
C PHE B 82 19.70 18.16 22.21
N PRO B 83 19.61 18.79 21.03
CA PRO B 83 18.66 19.88 20.73
C PRO B 83 17.23 19.49 21.05
N ARG B 84 16.59 20.29 21.90
CA ARG B 84 15.23 20.04 22.39
C ARG B 84 14.21 19.69 21.31
N TYR B 85 14.26 20.38 20.19
CA TYR B 85 13.18 20.32 19.21
C TYR B 85 13.29 19.12 18.27
N VAL B 86 14.50 18.62 18.08
CA VAL B 86 14.68 17.44 17.24
C VAL B 86 14.25 16.20 18.01
N THR B 87 14.64 16.15 19.28
CA THR B 87 14.26 15.07 20.18
C THR B 87 12.74 14.95 20.26
N GLY B 88 12.08 16.08 20.49
CA GLY B 88 10.63 16.11 20.58
C GLY B 88 9.95 15.62 19.31
N ALA B 89 10.55 15.95 18.17
CA ALA B 89 10.03 15.49 16.88
C ALA B 89 10.22 14.00 16.75
N CYS B 90 11.38 13.52 17.19
CA CYS B 90 11.69 12.10 17.18
C CYS B 90 10.74 11.34 18.10
N CYS B 91 10.48 11.91 19.27
CA CYS B 91 9.56 11.29 20.24
C CYS B 91 8.17 11.13 19.64
N LEU B 92 7.70 12.16 18.93
CA LEU B 92 6.38 12.11 18.32
C LEU B 92 6.36 11.09 17.18
N PHE B 93 7.48 10.99 16.46
CA PHE B 93 7.60 10.04 15.36
C PHE B 93 7.44 8.61 15.87
N LEU B 94 8.19 8.27 16.91
CA LEU B 94 8.10 6.97 17.55
C LEU B 94 6.71 6.74 18.11
N ALA B 95 6.22 7.73 18.86
CA ALA B 95 4.92 7.64 19.50
C ALA B 95 3.80 7.37 18.51
N GLY B 96 3.92 7.94 17.31
CA GLY B 96 2.94 7.73 16.26
C GLY B 96 2.86 6.26 15.88
N LYS B 97 4.02 5.64 15.73
CA LYS B 97 4.07 4.22 15.39
C LYS B 97 3.62 3.37 16.57
N VAL B 98 3.98 3.80 17.77
CA VAL B 98 3.61 3.07 18.98
C VAL B 98 2.10 3.06 19.22
N GLU B 99 1.49 4.24 19.15
CA GLU B 99 0.06 4.39 19.48
C GLU B 99 -0.86 4.17 18.27
N GLU B 100 -0.33 3.52 17.24
CA GLU B 100 -1.10 3.19 16.03
C GLU B 100 -1.74 4.42 15.39
N THR B 101 -1.06 5.55 15.51
CA THR B 101 -1.44 6.76 14.80
C THR B 101 -0.22 7.32 14.07
N PRO B 102 0.34 6.55 13.13
CA PRO B 102 1.64 6.94 12.57
C PRO B 102 1.54 8.03 11.52
N LYS B 103 2.46 8.99 11.58
CA LYS B 103 2.60 10.00 10.55
C LYS B 103 3.95 9.80 9.88
N LYS B 104 4.03 10.10 8.59
CA LYS B 104 5.31 10.06 7.90
C LYS B 104 6.25 11.05 8.55
N CYS B 105 7.56 10.80 8.46
CA CYS B 105 8.52 11.66 9.11
C CYS B 105 8.63 12.98 8.34
N LYS B 106 8.25 12.93 7.07
CA LYS B 106 8.19 14.13 6.24
C LYS B 106 7.15 15.11 6.78
N ASP B 107 5.96 14.59 7.09
CA ASP B 107 4.84 15.41 7.54
C ASP B 107 5.12 16.09 8.87
N ILE B 108 5.90 15.44 9.73
CA ILE B 108 6.21 16.02 11.03
C ILE B 108 7.24 17.13 10.87
N ILE B 109 8.21 16.91 9.99
CA ILE B 109 9.22 17.93 9.68
C ILE B 109 8.62 19.07 8.86
N LYS B 110 7.63 18.75 8.03
CA LYS B 110 6.90 19.76 7.27
C LYS B 110 6.08 20.64 8.21
N THR B 111 5.67 20.07 9.34
CA THR B 111 4.92 20.80 10.35
C THR B 111 5.89 21.55 11.25
N ALA B 112 7.12 21.03 11.34
CA ALA B 112 8.15 21.66 12.15
C ALA B 112 8.45 23.07 11.62
N ARG B 113 8.67 23.18 10.31
CA ARG B 113 8.94 24.46 9.69
C ARG B 113 7.74 25.39 9.78
N SER B 114 6.55 24.84 9.62
CA SER B 114 5.32 25.62 9.59
C SER B 114 5.10 26.40 10.87
N LEU B 115 5.47 25.81 12.00
CA LEU B 115 5.21 26.41 13.31
C LEU B 115 6.46 26.96 13.99
N LEU B 116 7.55 27.12 13.25
CA LEU B 116 8.81 27.41 13.92
C LEU B 116 9.68 28.44 13.19
N ASN B 117 10.38 29.21 14.00
CA ASN B 117 11.38 30.16 13.57
C ASN B 117 12.58 29.49 12.80
N ASP B 118 13.21 30.23 11.86
CA ASP B 118 14.28 29.68 11.00
C ASP B 118 15.58 29.40 11.80
N VAL B 119 15.68 29.95 12.99
CA VAL B 119 16.87 29.69 13.81
C VAL B 119 16.58 28.58 14.79
N GLN B 120 15.30 28.45 15.16
CA GLN B 120 14.81 27.38 16.01
C GLN B 120 14.74 26.08 15.18
N PHE B 121 14.47 26.25 13.89
CA PHE B 121 14.52 25.15 12.93
C PHE B 121 15.97 24.73 12.67
N GLY B 122 16.91 25.62 13.01
CA GLY B 122 18.32 25.39 12.75
C GLY B 122 18.91 24.17 13.46
N GLN B 123 18.19 23.66 14.44
CA GLN B 123 18.64 22.47 15.16
C GLN B 123 18.62 21.26 14.23
N PHE B 124 17.73 21.31 13.24
CA PHE B 124 17.59 20.21 12.30
C PHE B 124 18.68 20.23 11.25
N GLY B 125 19.38 21.36 11.16
CA GLY B 125 20.53 21.46 10.28
C GLY B 125 20.23 21.34 8.80
N ASP B 126 21.21 20.83 8.07
CA ASP B 126 21.12 20.63 6.63
C ASP B 126 19.98 19.68 6.29
N ASP B 127 20.01 18.50 6.91
CA ASP B 127 19.01 17.47 6.64
C ASP B 127 18.23 17.14 7.90
N PRO B 128 17.05 17.75 8.05
CA PRO B 128 16.13 17.50 9.17
C PRO B 128 15.73 16.04 9.28
N LYS B 129 15.42 15.42 8.14
CA LYS B 129 15.06 14.00 8.08
C LYS B 129 16.07 13.13 8.82
N GLU B 130 17.30 13.14 8.35
CA GLU B 130 18.38 12.40 8.98
C GLU B 130 18.51 12.68 10.47
N GLU B 131 18.53 13.96 10.83
CA GLU B 131 18.72 14.35 12.22
C GLU B 131 17.61 13.82 13.12
N VAL B 132 16.42 13.63 12.56
CA VAL B 132 15.29 13.08 13.29
C VAL B 132 15.34 11.55 13.33
N MET B 133 15.59 10.96 12.16
CA MET B 133 15.57 9.51 12.00
C MET B 133 16.66 8.79 12.79
N VAL B 134 17.89 9.28 12.71
CA VAL B 134 19.02 8.59 13.33
C VAL B 134 18.95 8.61 14.85
N LEU B 135 18.31 9.63 15.41
CA LEU B 135 18.18 9.74 16.86
C LEU B 135 17.30 8.65 17.45
N GLU B 136 16.37 8.12 16.66
CA GLU B 136 15.41 7.10 17.10
C GLU B 136 16.10 5.87 17.70
N ARG B 137 17.27 5.54 17.16
CA ARG B 137 18.06 4.43 17.67
C ARG B 137 18.41 4.63 19.14
N ILE B 138 18.76 5.87 19.49
CA ILE B 138 19.17 6.20 20.85
C ILE B 138 17.95 6.41 21.74
N LEU B 139 16.88 6.94 21.16
CA LEU B 139 15.64 7.13 21.89
C LEU B 139 15.12 5.81 22.42
N LEU B 140 15.05 4.82 21.54
CA LEU B 140 14.59 3.49 21.90
C LEU B 140 15.44 2.87 22.98
N GLN B 141 16.76 3.00 22.85
CA GLN B 141 17.68 2.46 23.85
C GLN B 141 17.51 3.17 25.19
N THR B 142 17.27 4.47 25.13
CA THR B 142 17.18 5.29 26.33
C THR B 142 15.94 4.96 27.15
N ILE B 143 14.81 4.81 26.47
CA ILE B 143 13.57 4.43 27.12
C ILE B 143 13.56 2.92 27.40
N LYS B 144 14.72 2.28 27.20
CA LYS B 144 14.92 0.87 27.51
C LYS B 144 13.91 -0.02 26.81
N PHE B 145 13.50 0.39 25.62
CA PHE B 145 12.51 -0.32 24.80
C PHE B 145 11.24 -0.64 25.57
N ASP B 146 10.86 0.26 26.47
CA ASP B 146 9.61 0.14 27.21
C ASP B 146 8.59 1.10 26.61
N LEU B 147 7.74 0.56 25.73
CA LEU B 147 6.93 1.39 24.84
C LEU B 147 5.50 1.61 25.32
N GLN B 148 4.98 0.73 26.17
CA GLN B 148 3.61 0.87 26.65
C GLN B 148 3.52 1.83 27.82
N VAL B 149 2.73 2.89 27.65
CA VAL B 149 2.59 3.92 28.67
C VAL B 149 1.14 4.39 28.79
N GLU B 150 0.61 4.44 30.02
CA GLU B 150 -0.74 4.92 30.23
C GLU B 150 -0.73 6.36 30.73
N HIS B 151 -1.85 7.06 30.58
CA HIS B 151 -1.92 8.48 30.87
C HIS B 151 -3.11 8.82 31.77
N PRO B 152 -3.08 9.98 32.43
CA PRO B 152 -4.19 10.38 33.31
C PRO B 152 -5.53 10.54 32.56
N TYR B 153 -5.46 10.79 31.25
CA TYR B 153 -6.65 10.92 30.42
C TYR B 153 -7.57 9.72 30.60
N GLN B 154 -7.05 8.54 30.27
CA GLN B 154 -7.77 7.28 30.38
C GLN B 154 -8.48 7.10 31.72
N PHE B 155 -7.75 7.36 32.80
CA PHE B 155 -8.28 7.14 34.15
C PHE B 155 -9.25 8.24 34.58
N LEU B 156 -9.01 9.45 34.09
CA LEU B 156 -9.88 10.60 34.39
C LEU B 156 -11.33 10.32 33.98
N LEU B 157 -11.53 9.75 32.80
CA LEU B 157 -12.87 9.43 32.30
C LEU B 157 -13.50 8.28 33.07
N LYS B 158 -12.74 7.22 33.26
CA LYS B 158 -13.23 6.01 33.92
C LYS B 158 -13.68 6.30 35.35
N TYR B 159 -13.12 7.35 35.95
CA TYR B 159 -13.51 7.75 37.29
C TYR B 159 -14.80 8.57 37.26
N ALA B 160 -14.96 9.36 36.20
CA ALA B 160 -16.11 10.24 36.07
C ALA B 160 -17.38 9.50 35.69
N LYS B 161 -17.22 8.29 35.16
CA LYS B 161 -18.37 7.46 34.84
C LYS B 161 -18.96 6.89 36.12
N GLN B 162 -18.14 6.87 37.18
CA GLN B 162 -18.58 6.35 38.46
C GLN B 162 -19.04 7.46 39.40
N LEU B 163 -19.24 8.65 38.86
CA LEU B 163 -19.73 9.78 39.66
C LEU B 163 -21.23 10.00 39.45
N LYS B 164 -21.98 9.97 40.55
CA LYS B 164 -23.44 10.09 40.51
C LYS B 164 -23.91 11.42 41.09
N GLY B 165 -24.12 12.41 40.23
CA GLY B 165 -24.55 13.72 40.68
C GLY B 165 -25.16 14.54 39.56
N ASP B 166 -24.92 15.85 39.59
CA ASP B 166 -25.48 16.75 38.59
C ASP B 166 -24.60 16.60 37.35
N LYS B 167 -25.23 16.33 36.21
CA LYS B 167 -24.50 15.96 35.00
C LYS B 167 -23.65 17.08 34.43
N ASN B 168 -24.21 18.29 34.33
CA ASN B 168 -23.50 19.40 33.72
C ASN B 168 -22.43 20.02 34.61
N LYS B 169 -22.41 19.62 35.87
CA LYS B 169 -21.35 20.04 36.79
C LYS B 169 -20.15 19.11 36.64
N ILE B 170 -20.41 17.80 36.55
CA ILE B 170 -19.37 16.82 36.28
C ILE B 170 -18.79 17.05 34.89
N GLN B 171 -19.67 17.34 33.94
CA GLN B 171 -19.28 17.58 32.56
C GLN B 171 -18.28 18.72 32.46
N LYS B 172 -18.41 19.69 33.36
CA LYS B 172 -17.47 20.81 33.42
C LYS B 172 -16.27 20.47 34.29
N LEU B 173 -16.48 19.59 35.26
CA LEU B 173 -15.41 19.17 36.16
C LEU B 173 -14.30 18.49 35.37
N VAL B 174 -14.67 17.52 34.56
CA VAL B 174 -13.72 16.76 33.76
C VAL B 174 -13.29 17.57 32.53
N GLN B 175 -14.10 18.56 32.15
CA GLN B 175 -13.74 19.42 31.03
C GLN B 175 -12.52 20.27 31.33
N MET B 176 -12.38 20.67 32.60
CA MET B 176 -11.27 21.52 33.00
C MET B 176 -10.15 20.72 33.68
N ALA B 177 -10.51 19.60 34.28
CA ALA B 177 -9.53 18.67 34.83
C ALA B 177 -8.69 18.11 33.68
N TRP B 178 -9.34 17.89 32.54
CA TRP B 178 -8.68 17.43 31.32
C TRP B 178 -7.64 18.45 30.87
N THR B 179 -8.04 19.71 30.83
CA THR B 179 -7.15 20.79 30.39
C THR B 179 -5.92 20.86 31.28
N PHE B 180 -6.12 20.55 32.56
CA PHE B 180 -5.02 20.52 33.53
C PHE B 180 -3.99 19.45 33.18
N VAL B 181 -4.46 18.32 32.68
CA VAL B 181 -3.56 17.23 32.30
C VAL B 181 -2.69 17.61 31.11
N ASN B 182 -3.29 18.28 30.12
CA ASN B 182 -2.53 18.75 28.96
C ASN B 182 -1.38 19.65 29.38
N ASP B 183 -1.67 20.56 30.29
CA ASP B 183 -0.67 21.45 30.85
C ASP B 183 0.38 20.70 31.67
N SER B 184 -0.09 19.79 32.52
CA SER B 184 0.80 19.05 33.43
C SER B 184 1.90 18.34 32.65
N LEU B 185 1.62 18.02 31.40
CA LEU B 185 2.58 17.34 30.53
C LEU B 185 3.84 18.17 30.34
N CYS B 186 3.71 19.49 30.48
CA CYS B 186 4.84 20.41 30.35
C CYS B 186 5.78 20.33 31.55
N THR B 187 5.36 19.59 32.57
CA THR B 187 6.15 19.49 33.79
C THR B 187 6.58 18.05 34.06
N THR B 188 7.47 17.88 35.04
CA THR B 188 7.98 16.56 35.38
C THR B 188 7.09 15.85 36.38
N LEU B 189 5.79 16.11 36.29
CA LEU B 189 4.82 15.37 37.10
C LEU B 189 4.68 13.97 36.52
N SER B 190 4.88 13.88 35.22
CA SER B 190 4.86 12.60 34.51
C SER B 190 5.97 11.67 35.00
N LEU B 191 7.02 12.26 35.57
CA LEU B 191 8.15 11.50 36.08
C LEU B 191 8.10 11.38 37.60
N GLN B 192 7.02 11.88 38.19
CA GLN B 192 6.92 11.96 39.65
C GLN B 192 5.85 11.02 40.21
N TRP B 193 4.70 10.97 39.56
CA TRP B 193 3.56 10.19 40.05
C TRP B 193 2.87 9.41 38.96
N GLU B 194 2.33 8.24 39.32
CA GLU B 194 1.52 7.41 38.43
C GLU B 194 0.34 8.20 37.86
N PRO B 195 -0.04 7.89 36.60
CA PRO B 195 -1.11 8.61 35.90
C PRO B 195 -2.44 8.55 36.64
N GLU B 196 -2.64 7.49 37.43
CA GLU B 196 -3.84 7.35 38.23
C GLU B 196 -3.94 8.47 39.26
N ILE B 197 -2.81 8.80 39.89
CA ILE B 197 -2.79 9.81 40.94
C ILE B 197 -2.90 11.22 40.34
N ILE B 198 -2.38 11.40 39.14
CA ILE B 198 -2.49 12.69 38.45
C ILE B 198 -3.93 12.93 37.99
N ALA B 199 -4.62 11.88 37.59
CA ALA B 199 -6.01 12.01 37.15
C ALA B 199 -6.91 12.38 38.32
N VAL B 200 -6.61 11.81 39.48
CA VAL B 200 -7.34 12.15 40.70
C VAL B 200 -7.04 13.58 41.16
N ALA B 201 -5.77 13.96 41.06
CA ALA B 201 -5.30 15.26 41.53
C ALA B 201 -5.93 16.42 40.76
N VAL B 202 -6.08 16.28 39.45
CA VAL B 202 -6.67 17.34 38.64
C VAL B 202 -8.18 17.41 38.86
N MET B 203 -8.76 16.32 39.37
CA MET B 203 -10.15 16.34 39.78
C MET B 203 -10.29 17.13 41.08
N TYR B 204 -9.32 16.94 41.97
CA TYR B 204 -9.27 17.64 43.24
C TYR B 204 -9.15 19.15 43.03
N LEU B 205 -8.28 19.53 42.10
CA LEU B 205 -8.05 20.94 41.82
C LEU B 205 -9.25 21.55 41.10
N ALA B 206 -9.74 20.83 40.09
CA ALA B 206 -10.91 21.29 39.35
C ALA B 206 -12.14 21.25 40.24
N GLY B 207 -12.07 20.45 41.31
CA GLY B 207 -13.17 20.36 42.24
C GLY B 207 -13.18 21.50 43.24
N ARG B 208 -12.01 22.05 43.51
CA ARG B 208 -11.90 23.16 44.46
C ARG B 208 -12.24 24.48 43.79
N LEU B 209 -11.68 24.70 42.61
CA LEU B 209 -11.85 25.95 41.91
C LEU B 209 -13.29 26.15 41.45
N CYS B 210 -14.06 25.07 41.45
CA CYS B 210 -15.47 25.13 41.09
C CYS B 210 -16.37 25.05 42.31
N LYS B 211 -15.76 24.94 43.49
CA LYS B 211 -16.49 24.79 44.76
C LYS B 211 -17.34 23.51 44.75
N PHE B 212 -17.09 22.64 43.78
CA PHE B 212 -17.75 21.35 43.69
C PHE B 212 -17.24 20.42 44.79
N GLU B 213 -18.14 19.96 45.65
CA GLU B 213 -17.77 18.95 46.63
C GLU B 213 -17.98 17.59 45.99
N ILE B 214 -16.89 16.88 45.76
CA ILE B 214 -16.93 15.70 44.90
C ILE B 214 -17.51 14.50 45.64
N GLN B 215 -17.39 14.50 46.96
CA GLN B 215 -17.88 13.41 47.79
C GLN B 215 -19.39 13.23 47.60
N GLU B 216 -20.12 14.33 47.51
CA GLU B 216 -21.59 14.30 47.40
C GLU B 216 -22.07 13.59 46.14
N TRP B 217 -21.15 13.21 45.26
CA TRP B 217 -21.50 12.49 44.06
C TRP B 217 -21.10 11.02 44.17
N THR B 218 -20.65 10.63 45.36
CA THR B 218 -20.27 9.26 45.64
C THR B 218 -21.25 8.61 46.63
N SER B 219 -21.13 7.30 46.78
CA SER B 219 -21.99 6.53 47.69
C SER B 219 -21.97 7.08 49.11
N LYS B 220 -20.81 7.62 49.51
CA LYS B 220 -20.66 8.23 50.83
C LYS B 220 -20.38 9.71 50.65
N PRO B 221 -21.44 10.54 50.77
CA PRO B 221 -21.32 11.98 50.50
C PRO B 221 -20.77 12.81 51.67
N MET B 222 -20.57 12.15 52.81
CA MET B 222 -20.08 12.82 54.02
C MET B 222 -18.64 12.46 54.31
N TYR B 223 -18.14 11.46 53.59
CA TYR B 223 -16.73 11.10 53.60
C TYR B 223 -15.94 12.07 52.73
N ARG B 224 -15.09 12.88 53.36
CA ARG B 224 -14.40 13.97 52.65
C ARG B 224 -13.46 13.49 51.53
N ARG B 225 -12.65 12.47 51.80
CA ARG B 225 -11.67 11.99 50.83
C ARG B 225 -12.29 11.05 49.79
N TRP B 226 -13.05 11.63 48.87
CA TRP B 226 -13.76 10.91 47.82
C TRP B 226 -12.86 10.03 46.95
N TRP B 227 -11.59 10.41 46.83
CA TRP B 227 -10.70 9.79 45.85
C TRP B 227 -10.28 8.35 46.18
N GLU B 228 -10.41 7.96 47.45
CA GLU B 228 -9.91 6.65 47.87
C GLU B 228 -10.67 5.48 47.26
N GLN B 229 -11.84 5.74 46.67
CA GLN B 229 -12.62 4.68 46.03
C GLN B 229 -12.10 4.36 44.63
N PHE B 230 -11.20 5.20 44.12
CA PHE B 230 -10.63 5.00 42.79
C PHE B 230 -9.19 4.53 42.88
N VAL B 231 -8.44 5.14 43.80
CA VAL B 231 -7.02 4.83 43.98
C VAL B 231 -6.84 4.18 45.35
N GLN B 232 -5.60 4.03 45.81
CA GLN B 232 -5.35 3.30 47.05
C GLN B 232 -4.42 4.03 48.01
N ASP B 233 -4.97 4.41 49.16
CA ASP B 233 -4.18 4.93 50.30
C ASP B 233 -3.39 6.20 49.97
N VAL B 234 -3.86 6.97 49.01
CA VAL B 234 -3.20 8.22 48.66
C VAL B 234 -3.55 9.32 49.64
N PRO B 235 -2.53 9.86 50.35
CA PRO B 235 -2.75 10.94 51.30
C PRO B 235 -3.05 12.24 50.57
N VAL B 236 -3.78 13.15 51.21
CA VAL B 236 -4.15 14.41 50.59
C VAL B 236 -2.91 15.25 50.27
N ASP B 237 -1.82 14.96 50.96
CA ASP B 237 -0.55 15.66 50.74
C ASP B 237 -0.08 15.50 49.30
N VAL B 238 -0.03 14.26 48.83
CA VAL B 238 0.40 13.96 47.47
C VAL B 238 -0.42 14.69 46.42
N LEU B 239 -1.73 14.76 46.63
CA LEU B 239 -2.62 15.45 45.69
C LEU B 239 -2.29 16.94 45.60
N GLU B 240 -2.05 17.56 46.75
CA GLU B 240 -1.73 18.97 46.78
C GLU B 240 -0.34 19.25 46.25
N ASP B 241 0.55 18.28 46.37
CA ASP B 241 1.88 18.40 45.81
C ASP B 241 1.74 18.56 44.30
N ILE B 242 0.92 17.69 43.71
CA ILE B 242 0.61 17.77 42.29
C ILE B 242 -0.15 19.07 41.97
N CYS B 243 -1.07 19.43 42.87
CA CYS B 243 -1.87 20.64 42.70
C CYS B 243 -1.01 21.88 42.66
N HIS B 244 -0.06 21.96 43.58
CA HIS B 244 0.84 23.11 43.68
C HIS B 244 1.64 23.26 42.38
N GLN B 245 2.24 22.16 41.93
CA GLN B 245 3.04 22.16 40.71
C GLN B 245 2.25 22.57 39.46
N ILE B 246 0.95 22.29 39.43
CA ILE B 246 0.14 22.66 38.27
C ILE B 246 -0.33 24.12 38.36
N LEU B 247 -0.67 24.56 39.57
CA LEU B 247 -1.09 25.93 39.80
C LEU B 247 0.06 26.91 39.59
N ASP B 248 1.28 26.42 39.81
CA ASP B 248 2.49 27.22 39.71
C ASP B 248 2.67 27.61 38.24
N LEU B 249 2.16 26.76 37.36
CA LEU B 249 2.24 27.01 35.92
C LEU B 249 1.41 28.23 35.55
N TYR B 250 0.22 28.33 36.13
CA TYR B 250 -0.69 29.47 35.93
C TYR B 250 -0.40 30.68 36.83
N SER B 251 0.36 30.46 37.89
CA SER B 251 0.42 31.38 39.04
C SER B 251 0.92 32.81 38.85
N GLN B 252 1.65 33.11 37.78
CA GLN B 252 2.24 34.45 37.70
C GLN B 252 1.97 35.19 36.38
N GLY B 253 0.78 34.96 35.81
CA GLY B 253 0.39 35.64 34.59
C GLY B 253 0.87 35.01 33.29
N LYS B 254 1.50 33.84 33.39
CA LYS B 254 1.98 33.13 32.20
C LYS B 254 0.80 32.74 31.31
N GLN B 255 -0.18 32.11 31.92
CA GLN B 255 -1.44 31.74 31.28
C GLN B 255 -2.44 31.43 32.37
N GLN B 256 -3.72 31.27 32.01
CA GLN B 256 -4.73 31.00 33.04
C GLN B 256 -5.81 30.01 32.61
N MET B 257 -6.61 29.62 33.59
CA MET B 257 -7.61 28.57 33.46
C MET B 257 -8.78 28.94 32.56
N ASP C 6 14.46 5.39 -32.03
CA ASP C 6 15.59 4.78 -31.34
C ASP C 6 16.05 5.67 -30.18
N TRP C 7 15.20 5.73 -29.15
CA TRP C 7 15.42 6.56 -27.98
C TRP C 7 16.35 5.87 -27.00
N GLY C 8 17.09 6.65 -26.21
CA GLY C 8 17.92 6.11 -25.17
C GLY C 8 19.33 5.91 -25.68
N LYS C 9 19.55 6.37 -26.90
CA LYS C 9 20.85 6.27 -27.55
C LYS C 9 21.57 7.62 -27.48
N ARG C 10 20.79 8.70 -27.55
CA ARG C 10 21.33 10.06 -27.51
C ARG C 10 22.03 10.35 -26.18
N CYS C 11 22.87 11.38 -26.16
CA CYS C 11 23.67 11.68 -24.97
C CYS C 11 23.12 12.88 -24.19
N VAL C 12 23.29 12.85 -22.88
CA VAL C 12 22.87 13.96 -22.02
C VAL C 12 23.79 15.16 -22.24
N ASP C 13 24.97 14.90 -22.80
CA ASP C 13 25.92 15.96 -23.14
C ASP C 13 25.34 16.87 -24.22
N LYS C 14 24.22 16.45 -24.77
CA LYS C 14 23.44 17.25 -25.71
C LYS C 14 22.73 18.38 -24.97
N PHE C 15 22.60 18.23 -23.66
CA PHE C 15 21.82 19.19 -22.87
C PHE C 15 22.68 19.96 -21.88
N ASP C 16 22.56 21.28 -21.87
CA ASP C 16 23.19 22.11 -20.85
C ASP C 16 22.23 22.26 -19.67
N ILE C 17 22.54 21.64 -18.54
CA ILE C 17 21.68 21.68 -17.36
C ILE C 17 21.72 23.06 -16.68
N ILE C 18 20.55 23.59 -16.33
CA ILE C 18 20.42 24.91 -15.72
C ILE C 18 20.25 24.85 -14.21
N GLY C 19 19.27 24.08 -13.75
CA GLY C 19 19.01 23.97 -12.32
C GLY C 19 18.04 22.87 -11.94
N ILE C 20 17.92 22.64 -10.64
CA ILE C 20 17.03 21.61 -10.11
C ILE C 20 15.65 22.19 -9.83
N ILE C 21 14.63 21.60 -10.46
CA ILE C 21 13.28 22.08 -10.28
C ILE C 21 12.64 21.49 -9.03
N GLY C 22 12.97 20.24 -8.76
CA GLY C 22 12.40 19.57 -7.61
C GLY C 22 12.64 18.08 -7.63
N GLU C 23 12.37 17.43 -6.50
CA GLU C 23 12.42 15.99 -6.41
C GLU C 23 11.07 15.49 -6.93
N GLY C 24 11.09 14.65 -7.95
CA GLY C 24 9.87 14.17 -8.55
C GLY C 24 9.45 12.81 -8.03
N THR C 25 8.39 12.27 -8.62
CA THR C 25 7.85 10.97 -8.23
C THR C 25 8.85 9.83 -8.43
N TYR C 26 9.84 10.05 -9.29
CA TYR C 26 10.91 9.06 -9.49
C TYR C 26 12.27 9.73 -9.73
N GLY C 27 13.06 9.86 -8.67
CA GLY C 27 14.30 10.61 -8.65
C GLY C 27 14.20 12.12 -8.51
N GLN C 28 14.51 12.85 -9.57
CA GLN C 28 14.47 14.33 -9.51
C GLN C 28 14.17 14.96 -10.87
N VAL C 29 13.78 16.24 -10.85
CA VAL C 29 13.46 16.95 -12.08
C VAL C 29 14.33 18.20 -12.27
N TYR C 30 14.98 18.28 -13.42
CA TYR C 30 15.91 19.37 -13.71
C TYR C 30 15.45 20.23 -14.90
N LYS C 31 15.79 21.51 -14.86
CA LYS C 31 15.64 22.37 -16.02
C LYS C 31 16.93 22.38 -16.82
N ALA C 32 16.83 22.34 -18.15
CA ALA C 32 18.01 22.26 -19.00
C ALA C 32 17.73 22.80 -20.39
N LYS C 33 18.76 23.34 -21.02
CA LYS C 33 18.67 23.77 -22.41
C LYS C 33 19.47 22.83 -23.28
N ASP C 34 19.13 22.80 -24.57
CA ASP C 34 19.86 21.98 -25.52
C ASP C 34 20.82 22.85 -26.31
N LYS C 35 22.08 22.42 -26.36
CA LYS C 35 23.14 23.16 -27.01
C LYS C 35 22.95 23.22 -28.52
N ASP C 36 22.13 22.32 -29.05
CA ASP C 36 21.90 22.26 -30.48
C ASP C 36 20.88 23.31 -30.92
N THR C 37 19.66 23.21 -30.40
CA THR C 37 18.60 24.15 -30.78
C THR C 37 18.61 25.39 -29.91
N GLY C 38 18.74 25.18 -28.60
CA GLY C 38 18.73 26.25 -27.64
C GLY C 38 17.45 26.31 -26.83
N GLU C 39 16.41 25.64 -27.33
CA GLU C 39 15.12 25.64 -26.62
C GLU C 39 15.29 24.95 -25.28
N LEU C 40 14.57 25.43 -24.28
CA LEU C 40 14.69 24.88 -22.95
C LEU C 40 13.80 23.66 -22.76
N VAL C 41 14.18 22.80 -21.81
CA VAL C 41 13.62 21.47 -21.67
C VAL C 41 13.57 21.00 -20.21
N ALA C 42 12.56 20.21 -19.87
CA ALA C 42 12.48 19.62 -18.55
C ALA C 42 13.00 18.18 -18.58
N LEU C 43 13.85 17.86 -17.61
CA LEU C 43 14.45 16.53 -17.53
C LEU C 43 14.01 15.81 -16.26
N LYS C 44 13.36 14.66 -16.45
CA LYS C 44 12.99 13.82 -15.31
C LYS C 44 14.02 12.71 -15.18
N LYS C 45 14.73 12.71 -14.05
CA LYS C 45 15.82 11.77 -13.84
C LYS C 45 15.33 10.43 -13.33
N VAL C 46 15.45 9.39 -14.15
CA VAL C 46 15.08 8.06 -13.73
C VAL C 46 16.31 7.29 -13.27
N ARG C 47 16.67 7.48 -12.00
CA ARG C 47 17.77 6.72 -11.42
C ARG C 47 17.32 5.28 -11.25
N LEU C 48 18.02 4.34 -11.88
CA LEU C 48 17.62 2.95 -11.82
C LEU C 48 18.17 2.23 -10.60
N ASP C 49 17.25 1.88 -9.71
CA ASP C 49 17.59 1.22 -8.46
C ASP C 49 17.38 -0.29 -8.54
N ASN C 50 18.46 -1.05 -8.46
CA ASN C 50 18.35 -2.49 -8.44
C ASN C 50 18.34 -2.93 -6.98
N GLU C 51 17.97 -4.19 -6.74
CA GLU C 51 17.70 -4.70 -5.39
C GLU C 51 16.43 -4.05 -4.86
N LYS C 52 15.72 -3.36 -5.76
CA LYS C 52 14.41 -2.79 -5.46
C LYS C 52 13.38 -3.32 -6.46
N GLU C 53 12.97 -2.48 -7.40
CA GLU C 53 12.04 -2.89 -8.45
C GLU C 53 12.43 -2.29 -9.82
N GLY C 54 13.57 -1.61 -9.86
CA GLY C 54 14.12 -1.08 -11.10
C GLY C 54 13.40 0.08 -11.74
N PHE C 55 13.18 -0.02 -13.05
CA PHE C 55 12.47 1.02 -13.80
C PHE C 55 11.03 1.18 -13.32
N PRO C 56 10.71 2.35 -12.76
CA PRO C 56 9.41 2.61 -12.14
C PRO C 56 8.26 2.60 -13.14
N ILE C 57 7.10 2.10 -12.71
CA ILE C 57 5.91 2.04 -13.55
C ILE C 57 5.45 3.46 -13.88
N THR C 58 5.65 4.37 -12.94
CA THR C 58 5.27 5.77 -13.12
C THR C 58 5.95 6.36 -14.35
N ALA C 59 7.20 5.96 -14.56
CA ALA C 59 7.95 6.40 -15.73
C ALA C 59 7.53 5.60 -16.96
N ILE C 60 6.96 4.43 -16.72
CA ILE C 60 6.53 3.55 -17.80
C ILE C 60 5.15 3.96 -18.31
N ARG C 61 4.23 4.25 -17.39
CA ARG C 61 2.92 4.75 -17.76
C ARG C 61 3.06 6.03 -18.56
N GLU C 62 3.99 6.88 -18.13
CA GLU C 62 4.22 8.18 -18.75
C GLU C 62 4.72 8.02 -20.18
N ILE C 63 5.74 7.18 -20.37
CA ILE C 63 6.30 6.92 -21.69
C ILE C 63 5.30 6.29 -22.64
N LYS C 64 4.67 5.21 -22.19
CA LYS C 64 3.73 4.43 -23.00
C LYS C 64 2.60 5.30 -23.55
N ILE C 65 2.15 6.26 -22.75
CA ILE C 65 1.01 7.09 -23.09
C ILE C 65 1.41 8.34 -23.88
N LEU C 66 2.47 9.00 -23.43
CA LEU C 66 2.91 10.25 -24.04
C LEU C 66 3.43 10.06 -25.46
N ARG C 67 3.83 8.84 -25.79
CA ARG C 67 4.27 8.56 -27.15
C ARG C 67 3.06 8.39 -28.05
N GLN C 68 1.88 8.39 -27.46
CA GLN C 68 0.65 8.33 -28.23
C GLN C 68 -0.12 9.64 -28.07
N LEU C 69 0.28 10.43 -27.09
CA LEU C 69 -0.33 11.73 -26.90
C LEU C 69 0.61 12.85 -27.31
N ILE C 70 0.28 13.49 -28.42
CA ILE C 70 1.00 14.68 -28.85
C ILE C 70 -0.05 15.76 -29.07
N HIS C 71 -0.18 16.66 -28.10
CA HIS C 71 -1.21 17.69 -28.16
C HIS C 71 -0.72 19.00 -27.57
N ARG C 72 -1.32 20.10 -28.01
CA ARG C 72 -0.94 21.44 -27.60
C ARG C 72 -1.07 21.68 -26.10
N SER C 73 -2.08 21.08 -25.48
CA SER C 73 -2.40 21.35 -24.08
C SER C 73 -1.83 20.31 -23.12
N VAL C 74 -0.92 19.48 -23.63
CA VAL C 74 -0.24 18.48 -22.82
C VAL C 74 1.27 18.63 -22.91
N VAL C 75 1.98 18.62 -21.78
CA VAL C 75 3.43 18.67 -21.86
C VAL C 75 3.88 17.39 -22.53
N ASN C 76 4.37 17.53 -23.76
CA ASN C 76 4.75 16.39 -24.58
C ASN C 76 6.16 15.91 -24.32
N MET C 77 6.34 14.60 -24.30
CA MET C 77 7.67 14.02 -24.12
C MET C 77 8.43 14.04 -25.45
N LYS C 78 9.48 14.86 -25.49
CA LYS C 78 10.27 15.04 -26.71
C LYS C 78 11.13 13.82 -27.04
N GLU C 79 11.81 13.28 -26.03
CA GLU C 79 12.72 12.15 -26.23
C GLU C 79 13.20 11.57 -24.90
N ILE C 80 14.09 10.58 -25.00
CA ILE C 80 14.75 10.01 -23.84
C ILE C 80 16.27 9.93 -24.09
N VAL C 81 17.05 10.28 -23.07
CA VAL C 81 18.51 10.28 -23.19
C VAL C 81 19.12 9.57 -21.97
N THR C 82 20.37 9.13 -22.10
CA THR C 82 21.00 8.29 -21.08
C THR C 82 22.36 8.80 -20.64
N ASP C 83 22.85 8.30 -19.51
CA ASP C 83 24.11 8.77 -18.95
C ASP C 83 25.30 8.00 -19.47
N LYS C 84 26.26 8.74 -20.04
CA LYS C 84 27.52 8.19 -20.52
C LYS C 84 27.31 6.98 -21.42
N GLN C 85 28.22 6.02 -21.33
CA GLN C 85 28.17 4.79 -22.09
C GLN C 85 29.30 3.86 -21.65
N ASP C 86 29.08 2.98 -20.67
CA ASP C 86 30.12 2.05 -20.24
C ASP C 86 30.21 1.01 -21.37
N ALA C 87 30.92 1.40 -22.43
CA ALA C 87 31.15 0.54 -23.62
C ALA C 87 31.81 -0.79 -23.27
N LEU C 88 32.36 -0.87 -22.06
CA LEU C 88 32.92 -2.10 -21.56
C LEU C 88 31.99 -2.69 -20.49
N ASP C 89 32.00 -4.01 -20.39
CA ASP C 89 31.32 -4.73 -19.32
C ASP C 89 29.79 -4.63 -19.32
N PHE C 90 29.25 -3.42 -19.40
CA PHE C 90 27.83 -3.18 -19.11
C PHE C 90 27.75 -3.75 -17.68
N LYS C 91 26.73 -4.53 -17.30
CA LYS C 91 26.57 -5.13 -15.98
C LYS C 91 27.05 -4.33 -14.74
N LYS C 92 27.80 -3.25 -14.95
CA LYS C 92 28.30 -2.40 -13.89
C LYS C 92 27.23 -1.35 -13.63
N ASP C 93 26.53 -0.97 -14.70
CA ASP C 93 25.35 -0.13 -14.65
C ASP C 93 25.42 1.11 -13.73
N LYS C 94 24.26 1.37 -13.12
CA LYS C 94 23.96 2.49 -12.22
C LYS C 94 23.73 3.80 -12.95
N GLY C 95 23.86 3.80 -14.27
CA GLY C 95 23.57 4.98 -15.05
C GLY C 95 22.08 5.24 -15.06
N ALA C 96 21.67 6.50 -15.23
CA ALA C 96 20.25 6.84 -15.19
C ALA C 96 19.69 7.13 -16.58
N PHE C 97 18.36 7.12 -16.69
CA PHE C 97 17.68 7.54 -17.91
C PHE C 97 17.05 8.90 -17.67
N TYR C 98 16.99 9.72 -18.71
CA TYR C 98 16.40 11.04 -18.56
C TYR C 98 15.24 11.26 -19.53
N LEU C 99 14.07 11.52 -18.98
CA LEU C 99 12.89 11.82 -19.77
C LEU C 99 12.90 13.29 -20.14
N VAL C 100 12.78 13.57 -21.43
CA VAL C 100 12.87 14.93 -21.94
C VAL C 100 11.49 15.47 -22.28
N PHE C 101 11.10 16.55 -21.62
CA PHE C 101 9.77 17.13 -21.84
C PHE C 101 9.88 18.57 -22.31
N GLU C 102 8.74 19.17 -22.68
CA GLU C 102 8.68 20.61 -22.85
C GLU C 102 8.82 21.31 -21.51
N TYR C 103 9.21 22.58 -21.52
CA TYR C 103 9.38 23.33 -20.28
C TYR C 103 8.32 24.40 -19.99
N MET C 104 7.75 24.34 -18.79
CA MET C 104 6.81 25.35 -18.30
C MET C 104 7.31 25.99 -16.99
N ASP C 105 7.32 27.31 -16.91
CA ASP C 105 7.89 28.00 -15.75
C ASP C 105 7.07 27.83 -14.46
N HIS C 106 5.75 27.93 -14.59
CA HIS C 106 4.92 27.95 -13.40
C HIS C 106 3.87 26.85 -13.44
N ASP C 107 3.30 26.60 -12.26
CA ASP C 107 2.12 25.77 -12.14
C ASP C 107 1.04 26.57 -11.42
N LEU C 108 -0.22 26.19 -11.61
CA LEU C 108 -1.34 26.99 -11.13
C LEU C 108 -1.34 27.10 -9.61
N MET C 109 -0.79 26.09 -8.94
CA MET C 109 -0.71 26.11 -7.48
C MET C 109 0.25 27.19 -6.99
N GLY C 110 1.37 27.35 -7.68
CA GLY C 110 2.38 28.31 -7.29
C GLY C 110 1.91 29.74 -7.47
N LEU C 111 1.24 30.00 -8.59
CA LEU C 111 0.73 31.33 -8.88
C LEU C 111 -0.37 31.75 -7.92
N LEU C 112 -1.32 30.85 -7.68
CA LEU C 112 -2.48 31.14 -6.83
C LEU C 112 -2.11 31.22 -5.34
N GLU C 113 -0.93 30.74 -5.01
CA GLU C 113 -0.48 30.72 -3.62
C GLU C 113 -0.06 32.12 -3.18
N SER C 114 0.39 32.93 -4.15
CA SER C 114 0.85 34.27 -3.86
C SER C 114 -0.29 35.15 -3.34
N GLY C 115 -1.46 34.98 -3.94
CA GLY C 115 -2.60 35.82 -3.67
C GLY C 115 -2.39 37.15 -4.37
N LEU C 116 -1.52 37.12 -5.37
CA LEU C 116 -1.20 38.32 -6.14
C LEU C 116 -1.87 38.28 -7.49
N VAL C 117 -2.02 37.08 -8.02
CA VAL C 117 -2.49 36.95 -9.37
C VAL C 117 -3.98 36.70 -9.34
N HIS C 118 -4.70 37.55 -10.06
CA HIS C 118 -6.13 37.41 -10.26
C HIS C 118 -6.42 37.34 -11.74
N PHE C 119 -6.91 36.19 -12.17
CA PHE C 119 -7.17 35.93 -13.57
C PHE C 119 -8.52 36.51 -13.97
N SER C 120 -8.53 37.33 -15.02
CA SER C 120 -9.79 37.87 -15.50
C SER C 120 -10.60 36.72 -16.08
N GLU C 121 -11.90 36.95 -16.26
CA GLU C 121 -12.79 35.92 -16.75
C GLU C 121 -12.35 35.41 -18.13
N ASP C 122 -11.82 36.32 -18.94
CA ASP C 122 -11.34 35.97 -20.26
C ASP C 122 -10.17 34.99 -20.20
N HIS C 123 -9.38 35.10 -19.13
CA HIS C 123 -8.27 34.18 -18.91
C HIS C 123 -8.75 32.81 -18.44
N ILE C 124 -9.64 32.78 -17.46
CA ILE C 124 -10.21 31.53 -17.00
C ILE C 124 -10.93 30.85 -18.15
N LYS C 125 -11.64 31.62 -18.97
CA LYS C 125 -12.25 31.10 -20.19
C LYS C 125 -11.19 30.49 -21.10
N SER C 126 -10.03 31.11 -21.14
CA SER C 126 -8.93 30.66 -22.00
C SER C 126 -8.22 29.45 -21.43
N PHE C 127 -8.02 29.46 -20.11
CA PHE C 127 -7.32 28.38 -19.44
C PHE C 127 -8.13 27.08 -19.49
N MET C 128 -9.40 27.16 -19.11
CA MET C 128 -10.27 25.99 -19.10
C MET C 128 -10.44 25.40 -20.50
N LYS C 129 -10.63 26.27 -21.50
CA LYS C 129 -10.79 25.82 -22.88
C LYS C 129 -9.61 24.95 -23.31
N GLN C 130 -8.42 25.35 -22.89
CA GLN C 130 -7.20 24.60 -23.20
C GLN C 130 -7.15 23.30 -22.42
N LEU C 131 -7.42 23.39 -21.12
CA LEU C 131 -7.41 22.23 -20.23
C LEU C 131 -8.40 21.15 -20.66
N MET C 132 -9.63 21.57 -20.96
CA MET C 132 -10.69 20.64 -21.31
C MET C 132 -10.48 20.08 -22.72
N GLU C 133 -9.68 20.77 -23.53
CA GLU C 133 -9.31 20.27 -24.85
C GLU C 133 -8.21 19.21 -24.80
N GLY C 134 -7.36 19.29 -23.79
CA GLY C 134 -6.32 18.29 -23.60
C GLY C 134 -6.88 17.03 -22.97
N LEU C 135 -7.80 17.22 -22.03
CA LEU C 135 -8.43 16.11 -21.34
C LEU C 135 -9.40 15.39 -22.24
N GLU C 136 -10.07 16.15 -23.11
CA GLU C 136 -10.96 15.57 -24.11
C GLU C 136 -10.16 14.67 -25.04
N TYR C 137 -8.95 15.13 -25.38
CA TYR C 137 -8.05 14.38 -26.23
C TYR C 137 -7.62 13.06 -25.55
N CYS C 138 -7.32 13.13 -24.26
CA CYS C 138 -6.91 11.95 -23.50
C CYS C 138 -8.03 10.92 -23.44
N HIS C 139 -9.23 11.41 -23.16
CA HIS C 139 -10.40 10.56 -23.04
C HIS C 139 -10.81 10.01 -24.39
N LYS C 140 -10.57 10.79 -25.45
CA LYS C 140 -10.84 10.34 -26.80
C LYS C 140 -9.91 9.19 -27.15
N LYS C 141 -8.72 9.22 -26.57
CA LYS C 141 -7.74 8.15 -26.76
C LYS C 141 -7.73 7.23 -25.55
N ASN C 142 -8.80 7.30 -24.77
CA ASN C 142 -9.05 6.35 -23.68
C ASN C 142 -7.94 6.30 -22.63
N PHE C 143 -7.50 7.46 -22.18
CA PHE C 143 -6.52 7.51 -21.09
C PHE C 143 -7.10 8.29 -19.93
N LEU C 144 -6.99 7.72 -18.72
CA LEU C 144 -7.42 8.43 -17.53
C LEU C 144 -6.19 9.09 -16.92
N HIS C 145 -6.33 10.31 -16.42
CA HIS C 145 -5.18 10.98 -15.84
C HIS C 145 -5.05 10.58 -14.39
N ARG C 146 -6.18 10.63 -13.67
CA ARG C 146 -6.26 10.09 -12.32
C ARG C 146 -5.33 10.78 -11.34
N ASP C 147 -4.84 11.96 -11.70
CA ASP C 147 -4.02 12.73 -10.79
C ASP C 147 -4.04 14.20 -11.18
N ILE C 148 -5.23 14.71 -11.48
CA ILE C 148 -5.38 16.10 -11.88
C ILE C 148 -5.57 17.02 -10.68
N LYS C 149 -4.60 17.90 -10.48
CA LYS C 149 -4.64 18.92 -9.44
C LYS C 149 -4.02 20.21 -9.93
N CYS C 150 -4.05 21.26 -9.10
CA CYS C 150 -3.49 22.54 -9.50
C CYS C 150 -1.98 22.47 -9.72
N SER C 151 -1.29 21.70 -8.89
CA SER C 151 0.15 21.56 -9.02
C SER C 151 0.54 20.78 -10.26
N ASN C 152 -0.44 20.11 -10.87
CA ASN C 152 -0.19 19.33 -12.09
C ASN C 152 -0.69 20.06 -13.33
N ILE C 153 -1.16 21.30 -13.15
CA ILE C 153 -1.54 22.14 -14.28
C ILE C 153 -0.56 23.30 -14.44
N LEU C 154 0.30 23.17 -15.45
CA LEU C 154 1.40 24.09 -15.70
C LEU C 154 0.97 25.25 -16.61
N LEU C 155 1.69 26.37 -16.53
CA LEU C 155 1.35 27.57 -17.27
C LEU C 155 2.57 28.46 -17.53
N ASN C 156 2.81 28.81 -18.80
CA ASN C 156 3.91 29.71 -19.15
C ASN C 156 3.41 31.15 -19.28
N ASN C 157 4.33 32.09 -19.43
CA ASN C 157 3.99 33.50 -19.50
C ASN C 157 3.17 33.87 -20.73
N SER C 158 3.22 33.02 -21.76
CA SER C 158 2.47 33.27 -22.98
C SER C 158 0.97 33.00 -22.79
N GLY C 159 0.61 32.40 -21.67
CA GLY C 159 -0.79 32.10 -21.38
C GLY C 159 -1.21 30.68 -21.69
N GLN C 160 -0.30 29.91 -22.27
CA GLN C 160 -0.54 28.52 -22.66
C GLN C 160 -0.59 27.55 -21.47
N ILE C 161 -1.63 26.72 -21.44
CA ILE C 161 -1.80 25.73 -20.38
C ILE C 161 -1.42 24.32 -20.87
N LYS C 162 -0.66 23.60 -20.05
CA LYS C 162 -0.33 22.21 -20.36
C LYS C 162 -0.54 21.31 -19.14
N LEU C 163 -1.17 20.17 -19.36
CA LEU C 163 -1.43 19.20 -18.30
C LEU C 163 -0.22 18.28 -18.14
N ALA C 164 0.18 18.03 -16.89
CA ALA C 164 1.41 17.30 -16.64
C ALA C 164 1.22 16.09 -15.72
N ASP C 165 2.32 15.37 -15.53
CA ASP C 165 2.38 14.22 -14.62
C ASP C 165 1.38 13.13 -15.00
N PHE C 166 1.77 12.30 -15.96
CA PHE C 166 0.96 11.15 -16.36
C PHE C 166 1.52 9.87 -15.76
N GLY C 167 2.01 9.99 -14.53
CA GLY C 167 2.63 8.87 -13.82
C GLY C 167 1.63 7.92 -13.21
N LEU C 168 0.37 8.37 -13.13
CA LEU C 168 -0.72 7.56 -12.58
C LEU C 168 -1.76 7.24 -13.66
N ALA C 169 -1.48 7.64 -14.89
CA ALA C 169 -2.41 7.47 -15.99
C ALA C 169 -2.49 6.04 -16.49
N ARG C 170 -3.70 5.55 -16.75
CA ARG C 170 -3.88 4.18 -17.22
C ARG C 170 -4.94 4.11 -18.31
N LEU C 171 -4.79 3.12 -19.19
CA LEU C 171 -5.73 2.96 -20.29
C LEU C 171 -7.08 2.48 -19.77
N TYR C 172 -8.14 2.88 -20.47
CA TYR C 172 -9.51 2.61 -20.04
C TYR C 172 -10.41 2.10 -21.17
N ASN C 173 -11.18 1.05 -20.88
CA ASN C 173 -12.23 0.59 -21.79
C ASN C 173 -13.57 0.43 -21.08
N SER C 174 -14.61 0.82 -21.79
CA SER C 174 -15.99 0.88 -21.32
C SER C 174 -16.58 -0.50 -21.00
N GLU C 175 -15.95 -1.57 -21.49
CA GLU C 175 -16.48 -2.92 -21.28
C GLU C 175 -16.26 -3.45 -19.86
N GLU C 176 -15.80 -2.56 -18.98
CA GLU C 176 -15.51 -2.89 -17.59
C GLU C 176 -14.65 -4.15 -17.44
N SER C 177 -13.39 -4.06 -17.86
CA SER C 177 -12.51 -5.22 -17.90
C SER C 177 -12.09 -5.70 -16.50
N ARG C 178 -11.66 -4.77 -15.66
CA ARG C 178 -11.09 -5.14 -14.36
C ARG C 178 -11.18 -4.02 -13.33
N PRO C 179 -11.26 -4.39 -12.04
CA PRO C 179 -11.25 -3.39 -10.96
C PRO C 179 -9.98 -2.56 -11.03
N TYR C 180 -10.07 -1.27 -10.73
CA TYR C 180 -8.87 -0.45 -10.65
C TYR C 180 -8.51 -0.11 -9.20
N ASN C 182 -8.75 2.53 -7.20
CA ASN C 182 -9.72 3.27 -6.37
C ASN C 182 -9.17 4.40 -5.50
N LYS C 183 -8.14 4.12 -4.70
CA LYS C 183 -7.51 5.16 -3.89
C LYS C 183 -6.62 6.04 -4.76
N VAL C 184 -7.24 6.67 -5.77
CA VAL C 184 -6.51 7.50 -6.71
C VAL C 184 -6.93 8.96 -6.59
N ILE C 185 -6.08 9.84 -7.11
CA ILE C 185 -6.26 11.30 -7.06
C ILE C 185 -6.09 11.81 -5.63
N THR C 186 -5.48 12.99 -5.50
CA THR C 186 -5.36 13.64 -4.20
C THR C 186 -6.73 13.83 -3.58
N LEU C 187 -6.79 13.74 -2.25
CA LEU C 187 -8.05 13.75 -1.53
C LEU C 187 -8.90 14.97 -1.86
N TRP C 188 -8.27 16.13 -2.00
CA TRP C 188 -8.99 17.37 -2.26
C TRP C 188 -9.67 17.43 -3.62
N TYR C 189 -9.11 16.70 -4.58
CA TYR C 189 -9.63 16.75 -5.94
C TYR C 189 -10.24 15.41 -6.34
N ARG C 190 -10.62 14.64 -5.33
CA ARG C 190 -11.17 13.31 -5.53
C ARG C 190 -12.69 13.34 -5.55
N PRO C 191 -13.29 12.78 -6.61
CA PRO C 191 -14.75 12.73 -6.80
C PRO C 191 -15.45 11.85 -5.76
N PRO C 192 -16.76 12.05 -5.57
CA PRO C 192 -17.54 11.32 -4.57
C PRO C 192 -17.55 9.81 -4.78
N GLU C 193 -17.60 9.34 -6.03
CA GLU C 193 -17.72 7.91 -6.27
C GLU C 193 -16.46 7.16 -5.83
N LEU C 194 -15.30 7.81 -5.95
CA LEU C 194 -14.05 7.19 -5.51
C LEU C 194 -13.96 7.18 -3.99
N LEU C 195 -14.58 8.17 -3.37
CA LEU C 195 -14.62 8.24 -1.91
C LEU C 195 -15.51 7.12 -1.37
N LEU C 196 -16.54 6.75 -2.11
CA LEU C 196 -17.46 5.72 -1.66
C LEU C 196 -16.94 4.32 -2.01
N GLY C 197 -15.79 4.27 -2.70
CA GLY C 197 -15.09 3.02 -2.95
C GLY C 197 -15.26 2.37 -4.31
N GLU C 198 -15.64 3.13 -5.32
CA GLU C 198 -15.80 2.61 -6.68
C GLU C 198 -14.44 2.13 -7.20
N GLU C 199 -14.40 0.92 -7.74
CA GLU C 199 -13.16 0.33 -8.25
C GLU C 199 -13.07 0.47 -9.76
N ARG C 200 -14.19 0.25 -10.44
CA ARG C 200 -14.27 0.38 -11.89
C ARG C 200 -14.86 1.74 -12.26
N TYR C 201 -14.01 2.76 -12.33
CA TYR C 201 -14.47 4.13 -12.52
C TYR C 201 -14.37 4.63 -13.96
N THR C 202 -14.90 5.83 -14.19
CA THR C 202 -15.01 6.40 -15.52
C THR C 202 -14.09 7.59 -15.71
N PRO C 203 -13.89 8.03 -16.97
CA PRO C 203 -13.15 9.27 -17.24
C PRO C 203 -13.75 10.50 -16.55
N ALA C 204 -14.98 10.39 -16.10
CA ALA C 204 -15.67 11.49 -15.44
C ALA C 204 -15.10 11.80 -14.05
N ILE C 205 -14.04 11.10 -13.66
CA ILE C 205 -13.35 11.44 -12.42
C ILE C 205 -12.39 12.61 -12.62
N ASP C 206 -11.84 12.71 -13.83
CA ASP C 206 -10.95 13.81 -14.17
C ASP C 206 -11.73 15.09 -14.37
N VAL C 207 -12.96 14.94 -14.85
CA VAL C 207 -13.85 16.08 -15.10
C VAL C 207 -14.24 16.71 -13.77
N TRP C 208 -14.32 15.89 -12.73
CA TRP C 208 -14.59 16.39 -11.40
C TRP C 208 -13.41 17.24 -10.90
N SER C 209 -12.20 16.71 -11.08
CA SER C 209 -10.99 17.40 -10.65
C SER C 209 -10.83 18.76 -11.33
N CYS C 210 -11.15 18.81 -12.61
CA CYS C 210 -11.07 20.05 -13.36
C CYS C 210 -12.15 21.03 -12.90
N GLY C 211 -13.26 20.49 -12.45
CA GLY C 211 -14.33 21.31 -11.90
C GLY C 211 -13.92 21.91 -10.58
N CYS C 212 -13.24 21.12 -9.75
CA CYS C 212 -12.75 21.60 -8.46
C CYS C 212 -11.66 22.64 -8.67
N ILE C 213 -11.09 22.66 -9.86
CA ILE C 213 -10.06 23.63 -10.20
C ILE C 213 -10.71 24.88 -10.78
N LEU C 214 -11.80 24.68 -11.51
CA LEU C 214 -12.58 25.79 -12.04
C LEU C 214 -13.11 26.67 -10.92
N GLY C 215 -13.50 26.05 -9.82
CA GLY C 215 -14.00 26.79 -8.66
C GLY C 215 -12.87 27.44 -7.92
N GLU C 216 -11.69 26.86 -8.02
CA GLU C 216 -10.52 27.37 -7.33
C GLU C 216 -9.96 28.61 -8.02
N LEU C 217 -10.18 28.72 -9.33
CA LEU C 217 -9.72 29.88 -10.08
C LEU C 217 -10.51 31.14 -9.74
N PHE C 218 -11.71 30.96 -9.20
CA PHE C 218 -12.57 32.09 -8.85
C PHE C 218 -12.45 32.43 -7.38
N THR C 219 -12.46 31.40 -6.54
CA THR C 219 -12.40 31.58 -5.09
C THR C 219 -10.96 31.78 -4.61
N LYS C 220 -10.01 31.60 -5.52
CA LYS C 220 -8.59 31.74 -5.23
C LYS C 220 -8.09 30.77 -4.15
N LYS C 221 -8.97 29.86 -3.73
CA LYS C 221 -8.64 28.86 -2.73
C LYS C 221 -9.34 27.55 -3.09
N PRO C 222 -8.72 26.40 -2.74
CA PRO C 222 -9.31 25.08 -3.00
C PRO C 222 -10.68 24.91 -2.36
N ILE C 223 -11.66 24.46 -3.13
CA ILE C 223 -13.05 24.43 -2.69
C ILE C 223 -13.39 23.24 -1.79
N PHE C 224 -12.57 22.20 -1.84
CA PHE C 224 -12.71 21.06 -0.94
C PHE C 224 -11.37 20.76 -0.27
N GLN C 225 -11.31 20.97 1.04
CA GLN C 225 -10.04 20.92 1.74
C GLN C 225 -10.11 20.17 3.08
N ALA C 226 -10.20 18.85 3.03
CA ALA C 226 -10.18 18.04 4.25
C ALA C 226 -8.89 17.24 4.39
N ASN C 227 -8.78 16.51 5.49
CA ASN C 227 -7.60 15.71 5.79
C ASN C 227 -7.87 14.21 5.75
N LEU C 228 -9.09 13.82 6.11
CA LEU C 228 -9.48 12.42 6.10
C LEU C 228 -10.65 12.19 5.15
N GLU C 229 -10.73 10.96 4.62
CA GLU C 229 -11.65 10.64 3.53
C GLU C 229 -13.11 10.94 3.85
N LEU C 230 -13.54 10.61 5.07
CA LEU C 230 -14.91 10.83 5.48
C LEU C 230 -15.28 12.30 5.57
N ALA C 231 -14.39 13.08 6.18
CA ALA C 231 -14.59 14.53 6.33
C ALA C 231 -14.65 15.22 4.97
N GLN C 232 -14.03 14.62 3.98
CA GLN C 232 -14.05 15.16 2.62
C GLN C 232 -15.42 14.94 1.98
N LEU C 233 -16.06 13.83 2.29
CA LEU C 233 -17.38 13.54 1.75
C LEU C 233 -18.42 14.53 2.25
N GLU C 234 -18.35 14.87 3.54
CA GLU C 234 -19.29 15.83 4.11
C GLU C 234 -19.11 17.21 3.50
N LEU C 235 -17.86 17.59 3.26
CA LEU C 235 -17.58 18.90 2.69
C LEU C 235 -18.22 18.99 1.31
N ILE C 236 -18.18 17.89 0.57
CA ILE C 236 -18.81 17.80 -0.73
C ILE C 236 -20.33 17.82 -0.59
N SER C 237 -20.83 17.06 0.39
CA SER C 237 -22.27 17.02 0.65
C SER C 237 -22.76 18.39 1.10
N ARG C 238 -21.91 19.11 1.82
CA ARG C 238 -22.27 20.42 2.36
C ARG C 238 -22.44 21.44 1.24
N LEU C 239 -21.96 21.09 0.05
CA LEU C 239 -22.00 22.00 -1.09
C LEU C 239 -22.80 21.44 -2.26
N CYS C 240 -22.46 20.22 -2.69
CA CYS C 240 -23.11 19.60 -3.85
C CYS C 240 -24.35 18.79 -3.49
N GLY C 241 -24.72 18.83 -2.22
CA GLY C 241 -25.84 18.03 -1.74
C GLY C 241 -25.33 16.66 -1.33
N SER C 242 -26.13 15.94 -0.56
CA SER C 242 -25.71 14.63 -0.09
C SER C 242 -26.02 13.57 -1.15
N PRO C 243 -25.13 12.58 -1.30
CA PRO C 243 -25.37 11.44 -2.18
C PRO C 243 -26.51 10.56 -1.67
N CYS C 244 -27.55 10.44 -2.49
CA CYS C 244 -28.75 9.70 -2.12
C CYS C 244 -29.47 9.29 -3.41
N PRO C 245 -30.34 8.25 -3.35
CA PRO C 245 -30.96 7.71 -4.57
C PRO C 245 -31.70 8.73 -5.44
N ALA C 246 -32.20 9.81 -4.84
CA ALA C 246 -32.92 10.82 -5.60
C ALA C 246 -32.03 11.55 -6.60
N VAL C 247 -30.93 12.11 -6.10
CA VAL C 247 -30.00 12.87 -6.93
C VAL C 247 -29.15 11.92 -7.76
N TRP C 248 -29.02 10.71 -7.25
CA TRP C 248 -28.07 9.74 -7.76
C TRP C 248 -28.63 8.31 -7.69
N PRO C 249 -29.09 7.76 -8.83
CA PRO C 249 -29.70 6.42 -8.81
C PRO C 249 -28.80 5.28 -8.34
N ASP C 250 -27.58 5.15 -8.85
CA ASP C 250 -26.77 3.97 -8.59
C ASP C 250 -25.74 4.05 -7.44
N VAL C 251 -26.02 4.82 -6.40
CA VAL C 251 -25.07 4.92 -5.30
C VAL C 251 -25.15 3.66 -4.42
N ILE C 252 -26.29 3.00 -4.46
CA ILE C 252 -26.53 1.83 -3.60
C ILE C 252 -25.58 0.70 -3.95
N LYS C 253 -25.11 0.70 -5.19
CA LYS C 253 -24.19 -0.31 -5.68
C LYS C 253 -22.73 0.03 -5.29
N LEU C 254 -22.56 1.09 -4.52
CA LEU C 254 -21.24 1.49 -4.04
C LEU C 254 -20.99 0.97 -2.62
N PRO C 255 -19.82 0.34 -2.41
CA PRO C 255 -19.45 -0.37 -1.18
C PRO C 255 -19.60 0.42 0.12
N TYR C 256 -18.89 1.54 0.25
CA TYR C 256 -18.84 2.27 1.51
C TYR C 256 -19.93 3.33 1.67
N PHE C 257 -20.97 3.26 0.86
CA PHE C 257 -22.05 4.26 0.91
C PHE C 257 -22.82 4.27 2.24
N ASN C 258 -23.46 3.15 2.56
CA ASN C 258 -24.30 3.06 3.76
C ASN C 258 -23.50 3.16 5.05
N THR C 259 -22.19 2.98 4.95
CA THR C 259 -21.30 3.07 6.11
C THR C 259 -20.74 4.48 6.25
N MET C 260 -20.16 5.01 5.17
CA MET C 260 -19.59 6.35 5.16
C MET C 260 -20.62 7.40 4.76
N LYS C 261 -21.46 7.83 5.71
CA LYS C 261 -22.48 8.85 5.45
C LYS C 261 -22.16 10.22 6.03
N PRO C 262 -22.58 11.30 5.33
CA PRO C 262 -22.45 12.66 5.88
C PRO C 262 -23.42 12.84 7.05
N LYS C 263 -23.34 13.95 7.77
CA LYS C 263 -24.16 14.12 8.99
C LYS C 263 -25.65 14.22 8.74
N LYS C 264 -26.04 14.91 7.67
CA LYS C 264 -27.45 15.07 7.36
C LYS C 264 -27.63 14.89 5.87
N GLN C 265 -28.88 14.88 5.42
CA GLN C 265 -29.13 14.78 3.99
C GLN C 265 -29.23 16.17 3.39
N TYR C 266 -28.07 16.78 3.17
CA TYR C 266 -27.99 18.15 2.69
C TYR C 266 -28.72 18.39 1.39
N ARG C 267 -29.38 19.54 1.32
CA ARG C 267 -29.90 20.02 0.06
C ARG C 267 -28.73 20.69 -0.65
N ARG C 268 -28.70 20.58 -1.96
CA ARG C 268 -27.60 21.12 -2.77
C ARG C 268 -27.50 22.64 -2.69
N ARG C 269 -26.36 23.11 -2.17
CA ARG C 269 -26.15 24.52 -1.91
C ARG C 269 -25.10 25.15 -2.86
N LEU C 270 -24.83 24.52 -3.99
CA LEU C 270 -23.71 24.95 -4.85
C LEU C 270 -23.89 26.34 -5.44
N ARG C 271 -25.03 26.58 -6.10
CA ARG C 271 -25.27 27.86 -6.74
C ARG C 271 -25.32 29.02 -5.74
N GLU C 272 -25.60 28.71 -4.47
CA GLU C 272 -25.67 29.73 -3.44
C GLU C 272 -24.30 30.25 -2.98
N GLU C 273 -23.34 29.34 -2.83
CA GLU C 273 -22.03 29.70 -2.29
C GLU C 273 -21.12 30.21 -3.39
N PHE C 274 -21.44 29.84 -4.62
CA PHE C 274 -20.68 30.30 -5.77
C PHE C 274 -21.52 31.25 -6.62
N SER C 275 -22.38 32.02 -5.97
CA SER C 275 -23.30 32.90 -6.69
C SER C 275 -22.60 34.08 -7.35
N PHE C 276 -21.45 34.47 -6.81
CA PHE C 276 -20.72 35.63 -7.33
C PHE C 276 -20.11 35.34 -8.70
N ILE C 277 -19.94 34.05 -9.00
CA ILE C 277 -19.38 33.61 -10.27
C ILE C 277 -20.30 33.94 -11.45
N PRO C 278 -19.72 34.38 -12.57
CA PRO C 278 -20.42 34.63 -13.84
C PRO C 278 -21.44 33.52 -14.18
N SER C 279 -22.56 33.93 -14.77
CA SER C 279 -23.68 33.03 -15.00
C SER C 279 -23.32 31.75 -15.74
N ALA C 280 -22.71 31.88 -16.91
CA ALA C 280 -22.40 30.73 -17.76
C ALA C 280 -21.29 29.90 -17.14
N ALA C 281 -20.44 30.55 -16.36
CA ALA C 281 -19.36 29.86 -15.65
C ALA C 281 -19.96 29.03 -14.53
N LEU C 282 -21.01 29.54 -13.90
CA LEU C 282 -21.69 28.84 -12.84
C LEU C 282 -22.45 27.65 -13.41
N ASP C 283 -22.95 27.80 -14.63
CA ASP C 283 -23.64 26.70 -15.30
C ASP C 283 -22.69 25.54 -15.54
N LEU C 284 -21.47 25.86 -15.95
CA LEU C 284 -20.47 24.82 -16.19
C LEU C 284 -20.04 24.16 -14.89
N LEU C 285 -19.74 24.97 -13.88
CA LEU C 285 -19.30 24.45 -12.58
C LEU C 285 -20.38 23.58 -11.95
N ASP C 286 -21.64 23.96 -12.14
CA ASP C 286 -22.78 23.21 -11.63
C ASP C 286 -22.79 21.82 -12.25
N HIS C 287 -22.49 21.77 -13.54
CA HIS C 287 -22.50 20.51 -14.28
C HIS C 287 -21.27 19.65 -14.00
N MET C 288 -20.10 20.29 -13.91
CA MET C 288 -18.86 19.55 -13.71
C MET C 288 -18.79 18.93 -12.32
N LEU C 289 -19.57 19.46 -11.40
CA LEU C 289 -19.59 18.98 -10.02
C LEU C 289 -20.90 18.27 -9.66
N THR C 290 -21.38 17.43 -10.56
CA THR C 290 -22.56 16.61 -10.29
C THR C 290 -22.19 15.34 -9.52
N LEU C 291 -23.03 14.93 -8.59
CA LEU C 291 -22.73 13.77 -7.75
C LEU C 291 -22.73 12.47 -8.56
N ASP C 292 -23.83 12.24 -9.30
CA ASP C 292 -23.97 11.07 -10.14
C ASP C 292 -23.06 11.20 -11.36
N PRO C 293 -22.04 10.35 -11.45
CA PRO C 293 -21.04 10.40 -12.53
C PRO C 293 -21.65 10.24 -13.92
N SER C 294 -22.78 9.57 -14.01
CA SER C 294 -23.44 9.38 -15.29
C SER C 294 -24.09 10.68 -15.73
N LYS C 295 -24.57 11.45 -14.77
CA LYS C 295 -25.20 12.74 -15.06
C LYS C 295 -24.16 13.86 -15.08
N ARG C 296 -22.91 13.53 -14.78
CA ARG C 296 -21.84 14.54 -14.79
C ARG C 296 -21.46 14.87 -16.22
N CYS C 297 -20.77 15.99 -16.38
CA CYS C 297 -20.41 16.50 -17.69
C CYS C 297 -19.20 15.75 -18.23
N THR C 298 -19.16 15.54 -19.54
CA THR C 298 -17.98 14.98 -20.18
C THR C 298 -17.10 16.10 -20.71
N ALA C 299 -15.81 15.83 -20.86
CA ALA C 299 -14.88 16.82 -21.40
C ALA C 299 -15.33 17.34 -22.76
N GLU C 300 -15.87 16.46 -23.60
CA GLU C 300 -16.40 16.86 -24.89
C GLU C 300 -17.50 17.88 -24.71
N GLN C 301 -18.32 17.69 -23.68
CA GLN C 301 -19.46 18.56 -23.41
C GLN C 301 -19.05 19.90 -22.81
N THR C 302 -17.95 19.93 -22.07
CA THR C 302 -17.50 21.15 -21.41
C THR C 302 -17.15 22.24 -22.42
N LEU C 303 -16.66 21.80 -23.57
CA LEU C 303 -16.26 22.73 -24.62
C LEU C 303 -17.45 23.21 -25.43
N GLN C 304 -18.62 22.66 -25.14
CA GLN C 304 -19.84 23.05 -25.83
C GLN C 304 -20.71 23.95 -24.96
N SER C 305 -20.25 24.21 -23.73
CA SER C 305 -20.95 25.09 -22.81
C SER C 305 -20.88 26.53 -23.28
N ASP C 306 -21.82 27.35 -22.84
CA ASP C 306 -21.85 28.77 -23.19
C ASP C 306 -20.61 29.50 -22.71
N PHE C 307 -19.96 28.93 -21.70
CA PHE C 307 -18.80 29.56 -21.07
C PHE C 307 -17.50 29.28 -21.82
N LEU C 308 -17.51 28.29 -22.70
CA LEU C 308 -16.29 27.90 -23.38
C LEU C 308 -16.45 27.77 -24.89
N LYS C 309 -17.70 27.73 -25.36
CA LYS C 309 -17.98 27.37 -26.75
C LYS C 309 -17.29 28.25 -27.80
N ASP C 310 -17.24 29.55 -27.55
CA ASP C 310 -16.73 30.49 -28.54
C ASP C 310 -15.41 31.12 -28.11
N VAL C 311 -14.81 30.60 -27.04
CA VAL C 311 -13.50 31.05 -26.58
C VAL C 311 -12.47 30.75 -27.66
N GLU C 312 -12.12 31.78 -28.44
CA GLU C 312 -11.17 31.61 -29.54
C GLU C 312 -9.68 31.63 -29.17
N LEU C 313 -9.11 30.43 -29.10
CA LEU C 313 -7.68 30.23 -28.86
C LEU C 313 -6.92 30.26 -30.18
N SER C 314 -7.64 30.54 -31.26
CA SER C 314 -7.08 30.43 -32.61
C SER C 314 -5.98 31.46 -32.81
N LYS C 315 -4.91 31.02 -33.45
CA LYS C 315 -3.67 31.79 -33.55
C LYS C 315 -3.59 32.61 -34.83
N MET C 316 -4.72 33.17 -35.23
CA MET C 316 -4.79 34.06 -36.38
C MET C 316 -5.22 35.43 -35.87
N ALA C 317 -6.08 35.42 -34.85
CA ALA C 317 -6.46 36.64 -34.15
C ALA C 317 -5.28 37.13 -33.31
N PRO C 318 -5.12 38.45 -33.19
CA PRO C 318 -4.02 38.99 -32.39
C PRO C 318 -4.17 38.59 -30.91
N PRO C 319 -3.09 38.74 -30.12
CA PRO C 319 -1.74 39.09 -30.54
C PRO C 319 -0.90 37.85 -30.89
N ASP C 320 0.15 38.06 -31.67
CA ASP C 320 1.09 37.00 -32.02
C ASP C 320 2.05 36.70 -30.89
N LEU C 321 1.97 35.50 -30.34
CA LEU C 321 2.87 35.12 -29.27
C LEU C 321 3.96 34.20 -29.84
N PRO C 322 5.23 34.65 -29.79
CA PRO C 322 6.34 33.89 -30.38
C PRO C 322 6.81 32.73 -29.50
N HIS C 323 6.60 32.87 -28.21
CA HIS C 323 7.14 31.96 -27.20
C HIS C 323 6.18 30.82 -26.91
N TRP C 324 5.20 30.66 -27.79
CA TRP C 324 4.20 29.63 -27.63
C TRP C 324 4.76 28.32 -28.16
N GLN C 325 4.60 27.27 -27.37
CA GLN C 325 5.14 25.97 -27.75
C GLN C 325 4.13 25.16 -28.55
N ASP C 326 4.38 25.06 -29.85
CA ASP C 326 3.54 24.25 -30.73
C ASP C 326 3.94 22.78 -30.70
N CYS C 327 3.12 21.94 -31.32
CA CYS C 327 3.31 20.50 -31.29
C CYS C 327 3.12 19.88 -32.65
N HIS C 328 3.07 20.70 -33.70
CA HIS C 328 2.80 20.17 -35.02
C HIS C 328 4.10 19.67 -35.64
N GLU C 329 5.20 19.95 -34.95
CA GLU C 329 6.48 19.42 -35.35
C GLU C 329 6.51 17.94 -34.97
N LEU C 330 6.24 17.67 -33.70
CA LEU C 330 6.20 16.30 -33.17
C LEU C 330 5.10 15.47 -33.80
N TRP C 331 3.93 16.07 -33.95
CA TRP C 331 2.77 15.38 -34.51
C TRP C 331 3.02 14.96 -35.95
N SER C 332 3.73 15.79 -36.70
CA SER C 332 4.11 15.47 -38.07
C SER C 332 5.15 14.36 -38.05
N LYS C 333 6.11 14.51 -37.15
CA LYS C 333 7.19 13.55 -36.97
C LYS C 333 6.63 12.25 -36.43
N LYS C 334 5.40 12.29 -35.89
CA LYS C 334 4.80 11.11 -35.32
C LYS C 334 4.25 10.19 -36.41
N ARG C 335 5.01 10.08 -37.49
CA ARG C 335 4.78 9.11 -38.54
C ARG C 335 5.83 8.02 -38.37
N ARG C 336 6.88 8.37 -37.64
CA ARG C 336 7.98 7.45 -37.34
C ARG C 336 8.44 7.62 -35.89
N PRO D 14 8.89 3.48 -34.94
CA PRO D 14 9.82 2.49 -35.48
C PRO D 14 9.13 1.23 -35.99
N CYS D 15 9.80 0.48 -36.85
CA CYS D 15 9.22 -0.73 -37.45
C CYS D 15 9.70 -2.01 -36.79
N TRP D 16 8.78 -2.95 -36.60
CA TRP D 16 9.10 -4.21 -35.94
C TRP D 16 8.64 -5.43 -36.75
N TYR D 17 8.61 -5.30 -38.07
CA TYR D 17 8.16 -6.38 -38.93
C TYR D 17 9.09 -6.65 -40.10
N TRP D 18 9.61 -7.87 -40.15
CA TRP D 18 10.51 -8.30 -41.21
C TRP D 18 9.84 -9.27 -42.19
N ASP D 19 10.40 -9.40 -43.38
CA ASP D 19 9.96 -10.43 -44.32
C ASP D 19 10.77 -11.70 -44.08
N LYS D 20 10.21 -12.85 -44.45
CA LYS D 20 10.81 -14.16 -44.17
C LYS D 20 12.25 -14.29 -44.66
N LYS D 21 12.57 -13.62 -45.76
CA LYS D 21 13.90 -13.70 -46.36
C LYS D 21 14.99 -13.10 -45.48
N ASP D 22 14.59 -12.19 -44.58
CA ASP D 22 15.56 -11.46 -43.76
C ASP D 22 15.77 -12.03 -42.34
N LEU D 23 14.94 -12.98 -41.92
CA LEU D 23 15.08 -13.52 -40.56
C LEU D 23 16.18 -14.57 -40.46
N ALA D 24 16.74 -14.95 -41.60
CA ALA D 24 17.88 -15.84 -41.61
C ALA D 24 19.17 -15.02 -41.47
N HIS D 25 19.02 -13.78 -41.04
CA HIS D 25 20.16 -12.88 -40.85
C HIS D 25 20.15 -12.22 -39.48
N THR D 26 19.76 -12.98 -38.46
CA THR D 26 19.86 -12.51 -37.08
C THR D 26 21.33 -12.47 -36.69
N PRO D 27 21.68 -11.62 -35.69
CA PRO D 27 23.07 -11.58 -35.20
C PRO D 27 23.57 -12.94 -34.69
N SER D 28 22.67 -13.74 -34.13
CA SER D 28 23.01 -15.08 -33.68
C SER D 28 23.53 -15.95 -34.82
N GLN D 29 22.73 -16.06 -35.88
CA GLN D 29 23.07 -16.91 -37.03
C GLN D 29 24.25 -16.38 -37.83
N LEU D 30 24.31 -15.07 -38.03
CA LEU D 30 25.41 -14.47 -38.78
C LEU D 30 26.74 -14.66 -38.06
N GLU D 31 26.67 -14.86 -36.74
CA GLU D 31 27.85 -15.20 -35.96
C GLU D 31 28.13 -16.70 -36.00
N GLY D 32 27.47 -17.38 -36.94
CA GLY D 32 27.66 -18.81 -37.13
C GLY D 32 26.86 -19.65 -36.15
N LEU D 33 25.54 -19.56 -36.26
CA LEU D 33 24.66 -20.38 -35.43
C LEU D 33 23.70 -21.21 -36.27
N ASP D 34 23.56 -22.47 -35.88
CA ASP D 34 22.58 -23.36 -36.46
C ASP D 34 21.17 -22.79 -36.31
N PRO D 35 20.51 -22.48 -37.44
CA PRO D 35 19.15 -21.93 -37.45
C PRO D 35 18.17 -22.80 -36.66
N ALA D 36 18.33 -24.11 -36.74
CA ALA D 36 17.46 -25.06 -36.06
C ALA D 36 17.56 -24.94 -34.54
N THR D 37 18.71 -24.47 -34.06
CA THR D 37 18.94 -24.32 -32.62
C THR D 37 18.44 -22.97 -32.12
N GLU D 38 18.43 -21.97 -32.99
CA GLU D 38 17.82 -20.69 -32.65
C GLU D 38 16.32 -20.89 -32.42
N ALA D 39 15.67 -21.56 -33.38
CA ALA D 39 14.26 -21.92 -33.26
C ALA D 39 14.01 -22.69 -31.97
N ARG D 40 14.96 -23.53 -31.60
CA ARG D 40 14.90 -24.24 -30.32
C ARG D 40 14.93 -23.22 -29.18
N TYR D 41 16.00 -22.44 -29.12
CA TYR D 41 16.17 -21.39 -28.11
C TYR D 41 14.99 -20.42 -28.04
N ARG D 42 14.41 -20.09 -29.20
CA ARG D 42 13.25 -19.21 -29.26
C ARG D 42 11.98 -19.86 -28.73
N ARG D 43 11.66 -21.05 -29.25
CA ARG D 43 10.47 -21.78 -28.82
C ARG D 43 10.58 -22.13 -27.34
N GLU D 44 11.79 -22.46 -26.91
CA GLU D 44 12.07 -22.71 -25.50
C GLU D 44 11.85 -21.46 -24.67
N GLY D 45 12.58 -20.40 -25.02
CA GLY D 45 12.50 -19.12 -24.32
C GLY D 45 11.09 -18.56 -24.24
N ALA D 46 10.37 -18.60 -25.36
CA ALA D 46 9.00 -18.11 -25.42
C ALA D 46 8.10 -18.90 -24.49
N ARG D 47 8.12 -20.23 -24.64
CA ARG D 47 7.30 -21.11 -23.81
C ARG D 47 7.63 -20.96 -22.33
N PHE D 48 8.89 -20.61 -22.04
CA PHE D 48 9.33 -20.39 -20.66
C PHE D 48 8.51 -19.28 -20.01
N ILE D 49 8.37 -18.17 -20.71
CA ILE D 49 7.62 -17.02 -20.22
C ILE D 49 6.15 -17.36 -19.99
N PHE D 50 5.57 -18.11 -20.94
CA PHE D 50 4.16 -18.48 -20.88
C PHE D 50 3.82 -19.27 -19.62
N ASP D 51 4.77 -20.08 -19.17
CA ASP D 51 4.56 -20.93 -18.01
C ASP D 51 4.80 -20.17 -16.69
N VAL D 52 5.88 -19.41 -16.65
CA VAL D 52 6.22 -18.59 -15.48
C VAL D 52 5.13 -17.58 -15.16
N GLY D 53 4.51 -17.05 -16.21
CA GLY D 53 3.47 -16.05 -16.04
C GLY D 53 2.16 -16.58 -15.48
N THR D 54 1.66 -17.66 -16.05
CA THR D 54 0.38 -18.23 -15.64
C THR D 54 0.46 -18.82 -14.22
N ARG D 55 1.68 -19.11 -13.78
CA ARG D 55 1.88 -19.62 -12.43
C ARG D 55 1.80 -18.48 -11.41
N LEU D 56 2.35 -17.33 -11.79
CA LEU D 56 2.20 -16.11 -10.99
C LEU D 56 0.79 -15.55 -11.12
N GLY D 57 0.03 -16.09 -12.06
CA GLY D 57 -1.35 -15.69 -12.26
C GLY D 57 -1.45 -14.33 -12.93
N LEU D 58 -0.81 -14.17 -14.08
CA LEU D 58 -0.79 -12.90 -14.79
C LEU D 58 -1.69 -12.93 -16.02
N HIS D 59 -2.19 -11.75 -16.38
CA HIS D 59 -3.09 -11.56 -17.52
C HIS D 59 -2.47 -12.11 -18.81
N TYR D 60 -3.29 -12.43 -19.80
CA TYR D 60 -2.78 -13.07 -21.02
C TYR D 60 -2.06 -12.08 -21.94
N ASP D 61 -2.45 -10.81 -21.88
CA ASP D 61 -1.78 -9.79 -22.67
C ASP D 61 -0.41 -9.50 -22.06
N THR D 62 -0.30 -9.68 -20.75
CA THR D 62 0.98 -9.51 -20.05
C THR D 62 1.95 -10.59 -20.50
N LEU D 63 1.45 -11.80 -20.68
CA LEU D 63 2.24 -12.92 -21.19
C LEU D 63 2.79 -12.62 -22.58
N ALA D 64 1.93 -12.11 -23.45
CA ALA D 64 2.26 -11.89 -24.85
C ALA D 64 3.29 -10.77 -25.06
N THR D 65 3.13 -9.65 -24.36
CA THR D 65 4.07 -8.54 -24.49
C THR D 65 5.48 -8.95 -24.11
N GLY D 66 5.61 -9.72 -23.04
CA GLY D 66 6.90 -10.21 -22.60
C GLY D 66 7.53 -11.11 -23.66
N ILE D 67 6.71 -11.94 -24.28
CA ILE D 67 7.19 -12.84 -25.33
C ILE D 67 7.61 -12.06 -26.57
N ILE D 68 6.80 -11.09 -26.96
CA ILE D 68 7.10 -10.27 -28.15
C ILE D 68 8.36 -9.43 -27.91
N TYR D 69 8.53 -8.94 -26.69
CA TYR D 69 9.79 -8.29 -26.30
C TYR D 69 10.97 -9.24 -26.53
N PHE D 70 10.82 -10.45 -26.01
CA PHE D 70 11.85 -11.49 -26.11
C PHE D 70 12.26 -11.75 -27.56
N HIS D 71 11.28 -12.04 -28.41
CA HIS D 71 11.52 -12.25 -29.83
C HIS D 71 12.22 -11.07 -30.48
N ARG D 72 11.81 -9.87 -30.08
CA ARG D 72 12.39 -8.63 -30.62
C ARG D 72 13.82 -8.39 -30.16
N PHE D 73 14.10 -8.72 -28.90
CA PHE D 73 15.42 -8.49 -28.32
C PHE D 73 16.52 -9.24 -29.07
N TYR D 74 16.25 -10.50 -29.42
CA TYR D 74 17.26 -11.34 -30.04
C TYR D 74 17.34 -11.15 -31.56
N MET D 75 16.76 -10.05 -32.03
CA MET D 75 16.95 -9.63 -33.42
C MET D 75 18.09 -8.63 -33.49
N PHE D 76 18.60 -8.24 -32.33
CA PHE D 76 19.70 -7.29 -32.23
C PHE D 76 20.82 -7.83 -31.36
N HIS D 77 20.68 -9.06 -30.89
CA HIS D 77 21.68 -9.67 -30.02
C HIS D 77 21.82 -11.17 -30.25
N SER D 78 22.93 -11.74 -29.78
CA SER D 78 23.18 -13.17 -29.91
C SER D 78 22.81 -13.92 -28.63
N PHE D 79 22.41 -15.19 -28.79
CA PHE D 79 22.09 -16.04 -27.65
C PHE D 79 23.34 -16.42 -26.87
N LYS D 80 24.50 -16.25 -27.50
CA LYS D 80 25.77 -16.53 -26.85
C LYS D 80 26.06 -15.51 -25.76
N GLN D 81 25.90 -14.24 -26.09
CA GLN D 81 26.20 -13.15 -25.17
C GLN D 81 25.10 -12.97 -24.12
N PHE D 82 23.92 -13.53 -24.39
CA PHE D 82 22.80 -13.42 -23.47
C PHE D 82 22.08 -14.75 -23.29
N PRO D 83 22.21 -15.37 -22.11
CA PRO D 83 21.53 -16.62 -21.78
C PRO D 83 20.02 -16.52 -22.02
N ARG D 84 19.51 -17.42 -22.84
CA ARG D 84 18.10 -17.43 -23.24
C ARG D 84 17.12 -17.28 -22.08
N TYR D 85 17.42 -17.92 -20.96
CA TYR D 85 16.46 -18.03 -19.87
C TYR D 85 16.40 -16.80 -18.96
N VAL D 86 17.51 -16.07 -18.85
CA VAL D 86 17.52 -14.88 -18.00
C VAL D 86 16.83 -13.70 -18.69
N THR D 87 17.06 -13.55 -19.99
CA THR D 87 16.42 -12.51 -20.79
C THR D 87 14.90 -12.62 -20.71
N GLY D 88 14.39 -13.83 -20.87
CA GLY D 88 12.96 -14.07 -20.79
C GLY D 88 12.36 -13.66 -19.46
N ALA D 89 13.12 -13.85 -18.39
CA ALA D 89 12.68 -13.44 -17.06
C ALA D 89 12.62 -11.92 -16.97
N CYS D 90 13.63 -11.28 -17.54
CA CYS D 90 13.68 -9.82 -17.60
C CYS D 90 12.54 -9.24 -18.42
N CYS D 91 12.24 -9.87 -19.56
CA CYS D 91 11.15 -9.44 -20.42
C CYS D 91 9.80 -9.47 -19.70
N LEU D 92 9.58 -10.52 -18.93
CA LEU D 92 8.34 -10.64 -18.17
C LEU D 92 8.26 -9.59 -17.07
N PHE D 93 9.41 -9.26 -16.49
CA PHE D 93 9.48 -8.25 -15.44
C PHE D 93 8.97 -6.90 -15.94
N LEU D 94 9.51 -6.46 -17.07
CA LEU D 94 9.07 -5.22 -17.73
C LEU D 94 7.61 -5.29 -18.12
N ALA D 95 7.23 -6.40 -18.75
CA ALA D 95 5.88 -6.60 -19.26
C ALA D 95 4.82 -6.47 -18.18
N GLY D 96 5.14 -6.93 -16.97
CA GLY D 96 4.22 -6.81 -15.85
C GLY D 96 3.93 -5.36 -15.53
N LYS D 97 4.98 -4.54 -15.51
CA LYS D 97 4.85 -3.13 -15.23
C LYS D 97 4.16 -2.39 -16.39
N VAL D 98 4.46 -2.81 -17.61
CA VAL D 98 3.88 -2.19 -18.79
C VAL D 98 2.36 -2.43 -18.89
N GLU D 99 1.94 -3.68 -18.74
CA GLU D 99 0.53 -4.03 -18.91
C GLU D 99 -0.24 -3.88 -17.60
N GLU D 100 0.35 -3.15 -16.66
CA GLU D 100 -0.25 -2.82 -15.38
C GLU D 100 -0.68 -4.05 -14.58
N THR D 101 0.07 -5.15 -14.74
CA THR D 101 -0.11 -6.33 -13.88
C THR D 101 1.26 -6.74 -13.32
N PRO D 102 1.90 -5.86 -12.54
CA PRO D 102 3.30 -6.04 -12.16
C PRO D 102 3.50 -7.00 -10.99
N LYS D 103 4.54 -7.82 -11.08
CA LYS D 103 4.98 -8.64 -9.96
C LYS D 103 6.38 -8.21 -9.52
N LYS D 104 6.65 -8.32 -8.22
CA LYS D 104 7.98 -8.03 -7.70
C LYS D 104 8.97 -9.03 -8.30
N CYS D 105 10.23 -8.63 -8.41
CA CYS D 105 11.23 -9.48 -9.04
C CYS D 105 11.59 -10.65 -8.11
N LYS D 106 11.29 -10.49 -6.83
CA LYS D 106 11.50 -11.56 -5.87
C LYS D 106 10.60 -12.76 -6.20
N ASP D 107 9.32 -12.48 -6.46
CA ASP D 107 8.33 -13.53 -6.71
C ASP D 107 8.57 -14.32 -7.99
N ILE D 108 9.14 -13.68 -9.01
CA ILE D 108 9.39 -14.35 -10.28
C ILE D 108 10.62 -15.26 -10.20
N ILE D 109 11.63 -14.83 -9.45
CA ILE D 109 12.83 -15.64 -9.24
C ILE D 109 12.46 -16.90 -8.46
N LYS D 110 11.43 -16.78 -7.63
CA LYS D 110 10.91 -17.94 -6.90
C LYS D 110 10.33 -18.94 -7.90
N THR D 111 9.88 -18.45 -9.04
CA THR D 111 9.42 -19.31 -10.13
C THR D 111 10.59 -19.72 -11.03
N ALA D 112 11.63 -18.89 -11.06
CA ALA D 112 12.79 -19.15 -11.89
C ALA D 112 13.49 -20.45 -11.50
N ARG D 113 13.80 -20.61 -10.23
CA ARG D 113 14.40 -21.84 -9.75
C ARG D 113 13.41 -23.02 -9.83
N SER D 114 12.15 -22.73 -9.48
CA SER D 114 11.08 -23.72 -9.32
C SER D 114 10.56 -24.57 -10.50
N LEU D 115 10.41 -23.99 -11.67
CA LEU D 115 9.73 -24.70 -12.77
C LEU D 115 10.74 -25.13 -13.82
N LEU D 116 11.99 -25.16 -13.42
CA LEU D 116 13.05 -25.19 -14.39
C LEU D 116 14.17 -26.15 -14.05
N ASN D 117 14.78 -26.71 -15.09
CA ASN D 117 15.94 -27.56 -14.92
C ASN D 117 17.03 -26.80 -14.17
N ASP D 118 17.75 -27.52 -13.31
CA ASP D 118 18.67 -26.88 -12.38
C ASP D 118 19.93 -26.36 -13.10
N VAL D 119 20.15 -26.87 -14.30
CA VAL D 119 21.26 -26.45 -15.16
C VAL D 119 20.72 -25.37 -16.13
N GLN D 120 19.40 -25.35 -16.34
CA GLN D 120 18.76 -24.30 -17.12
C GLN D 120 18.69 -23.04 -16.23
N PHE D 121 18.59 -23.28 -14.93
CA PHE D 121 18.61 -22.21 -13.94
C PHE D 121 20.00 -21.64 -13.80
N GLY D 122 20.98 -22.41 -14.26
CA GLY D 122 22.37 -21.99 -14.20
C GLY D 122 22.66 -20.78 -15.06
N GLN D 123 21.73 -20.47 -15.95
CA GLN D 123 21.87 -19.34 -16.86
C GLN D 123 21.84 -17.99 -16.13
N PHE D 124 21.18 -17.95 -14.98
CA PHE D 124 21.03 -16.71 -14.22
C PHE D 124 22.27 -16.33 -13.43
N GLY D 125 23.23 -17.25 -13.36
CA GLY D 125 24.50 -16.99 -12.70
C GLY D 125 24.37 -16.86 -11.19
N ASP D 126 25.25 -16.05 -10.59
CA ASP D 126 25.29 -15.91 -9.13
C ASP D 126 23.97 -15.37 -8.53
N ASP D 127 23.55 -14.19 -8.97
CA ASP D 127 22.36 -13.52 -8.44
C ASP D 127 21.37 -13.24 -9.56
N PRO D 128 20.34 -14.08 -9.69
CA PRO D 128 19.29 -13.91 -10.71
C PRO D 128 18.68 -12.50 -10.66
N LYS D 129 18.42 -11.98 -9.47
CA LYS D 129 17.90 -10.63 -9.30
C LYS D 129 18.73 -9.63 -10.10
N GLU D 130 20.00 -9.47 -9.73
CA GLU D 130 20.91 -8.57 -10.43
C GLU D 130 20.95 -8.86 -11.93
N GLU D 131 21.12 -10.13 -12.27
CA GLU D 131 21.22 -10.54 -13.67
C GLU D 131 19.95 -10.20 -14.46
N VAL D 132 18.82 -10.19 -13.77
CA VAL D 132 17.54 -9.80 -14.36
C VAL D 132 17.35 -8.29 -14.31
N MET D 133 17.60 -7.71 -13.13
CA MET D 133 17.36 -6.28 -12.91
C MET D 133 18.28 -5.40 -13.76
N VAL D 134 19.57 -5.71 -13.76
CA VAL D 134 20.56 -4.90 -14.49
C VAL D 134 20.35 -5.04 -16.00
N LEU D 135 19.84 -6.18 -16.42
CA LEU D 135 19.60 -6.44 -17.84
C LEU D 135 18.50 -5.54 -18.40
N GLU D 136 17.58 -5.13 -17.53
CA GLU D 136 16.44 -4.30 -17.92
C GLU D 136 16.86 -3.01 -18.62
N ARG D 137 18.00 -2.47 -18.22
CA ARG D 137 18.50 -1.22 -18.80
C ARG D 137 18.72 -1.32 -20.30
N ILE D 138 19.31 -2.43 -20.76
CA ILE D 138 19.60 -2.59 -22.17
C ILE D 138 18.36 -3.09 -22.93
N LEU D 139 17.52 -3.86 -22.25
CA LEU D 139 16.28 -4.35 -22.85
C LEU D 139 15.41 -3.18 -23.30
N LEU D 140 15.22 -2.21 -22.40
CA LEU D 140 14.46 -1.00 -22.71
C LEU D 140 15.08 -0.27 -23.90
N GLN D 141 16.40 -0.14 -23.88
CA GLN D 141 17.11 0.51 -24.97
C GLN D 141 16.97 -0.26 -26.28
N THR D 142 16.99 -1.59 -26.18
CA THR D 142 16.96 -2.44 -27.36
C THR D 142 15.61 -2.38 -28.08
N ILE D 143 14.53 -2.42 -27.30
CA ILE D 143 13.18 -2.32 -27.86
C ILE D 143 12.84 -0.88 -28.21
N LYS D 144 13.85 -0.01 -28.20
CA LYS D 144 13.73 1.38 -28.62
C LYS D 144 12.63 2.12 -27.85
N PHE D 145 12.46 1.73 -26.58
CA PHE D 145 11.48 2.32 -25.68
C PHE D 145 10.07 2.37 -26.28
N ASP D 146 9.72 1.34 -27.03
CA ASP D 146 8.37 1.19 -27.58
C ASP D 146 7.64 0.15 -26.74
N LEU D 147 6.87 0.61 -25.76
CA LEU D 147 6.37 -0.28 -24.71
C LEU D 147 4.96 -0.79 -24.94
N GLN D 148 4.18 -0.06 -25.73
CA GLN D 148 2.81 -0.49 -26.01
C GLN D 148 2.81 -1.45 -27.20
N VAL D 149 2.28 -2.65 -26.97
CA VAL D 149 2.26 -3.69 -27.98
C VAL D 149 0.89 -4.38 -28.01
N GLU D 150 0.36 -4.52 -29.23
CA GLU D 150 -0.94 -5.15 -29.44
C GLU D 150 -0.82 -6.60 -29.88
N HIS D 151 -1.88 -7.38 -29.66
CA HIS D 151 -1.85 -8.82 -29.91
C HIS D 151 -3.06 -9.29 -30.70
N PRO D 152 -2.98 -10.48 -31.31
CA PRO D 152 -4.11 -11.03 -32.08
C PRO D 152 -5.36 -11.29 -31.22
N TYR D 153 -5.17 -11.44 -29.91
CA TYR D 153 -6.27 -11.64 -28.97
C TYR D 153 -7.38 -10.60 -29.15
N GLN D 154 -7.00 -9.34 -28.93
CA GLN D 154 -7.88 -8.19 -29.04
C GLN D 154 -8.73 -8.16 -30.31
N PHE D 155 -8.09 -8.40 -31.45
CA PHE D 155 -8.78 -8.30 -32.74
C PHE D 155 -9.65 -9.52 -32.99
N LEU D 156 -9.24 -10.66 -32.48
CA LEU D 156 -10.00 -11.91 -32.61
C LEU D 156 -11.42 -11.77 -32.06
N LEU D 157 -11.53 -11.16 -30.89
CA LEU D 157 -12.83 -10.97 -30.24
C LEU D 157 -13.66 -9.91 -30.96
N LYS D 158 -13.03 -8.79 -31.27
CA LYS D 158 -13.71 -7.68 -31.93
C LYS D 158 -14.25 -8.06 -33.30
N TYR D 159 -13.61 -9.03 -33.94
CA TYR D 159 -14.06 -9.52 -35.23
C TYR D 159 -15.18 -10.53 -35.06
N ALA D 160 -15.10 -11.34 -34.00
CA ALA D 160 -16.08 -12.38 -33.74
C ALA D 160 -17.38 -11.80 -33.19
N LYS D 161 -17.30 -10.59 -32.65
CA LYS D 161 -18.49 -9.89 -32.16
C LYS D 161 -19.31 -9.35 -33.33
N GLN D 162 -18.65 -9.16 -34.48
CA GLN D 162 -19.30 -8.64 -35.67
C GLN D 162 -19.72 -9.76 -36.61
N LEU D 163 -19.71 -10.99 -36.10
CA LEU D 163 -20.11 -12.16 -36.88
C LEU D 163 -21.55 -12.55 -36.54
N LYS D 164 -22.40 -12.64 -37.56
CA LYS D 164 -23.82 -12.89 -37.35
C LYS D 164 -24.26 -14.30 -37.74
N GLY D 165 -24.28 -15.21 -36.76
CA GLY D 165 -24.69 -16.58 -36.95
C GLY D 165 -25.02 -17.26 -35.63
N ASP D 166 -24.76 -18.56 -35.55
CA ASP D 166 -25.03 -19.32 -34.34
C ASP D 166 -23.89 -19.14 -33.35
N LYS D 167 -24.24 -18.80 -32.12
CA LYS D 167 -23.28 -18.42 -31.08
C LYS D 167 -22.38 -19.59 -30.66
N ASN D 168 -22.97 -20.77 -30.48
CA ASN D 168 -22.22 -21.92 -29.97
C ASN D 168 -21.29 -22.49 -31.04
N LYS D 169 -21.43 -21.99 -32.26
CA LYS D 169 -20.49 -22.29 -33.33
C LYS D 169 -19.33 -21.30 -33.22
N ILE D 170 -19.67 -20.04 -32.96
CA ILE D 170 -18.68 -19.00 -32.72
C ILE D 170 -17.93 -19.25 -31.41
N GLN D 171 -18.65 -19.66 -30.39
CA GLN D 171 -18.07 -19.94 -29.08
C GLN D 171 -16.97 -20.98 -29.17
N LYS D 172 -17.14 -21.94 -30.08
CA LYS D 172 -16.14 -22.96 -30.30
C LYS D 172 -15.12 -22.50 -31.33
N LEU D 173 -15.55 -21.62 -32.23
CA LEU D 173 -14.69 -21.09 -33.28
C LEU D 173 -13.49 -20.32 -32.72
N VAL D 174 -13.78 -19.33 -31.87
CA VAL D 174 -12.74 -18.51 -31.28
C VAL D 174 -12.08 -19.27 -30.13
N GLN D 175 -12.74 -20.32 -29.64
CA GLN D 175 -12.18 -21.15 -28.59
C GLN D 175 -10.91 -21.86 -29.05
N MET D 176 -10.87 -22.17 -30.34
CA MET D 176 -9.71 -22.85 -30.91
C MET D 176 -8.79 -21.84 -31.61
N ALA D 177 -9.38 -20.76 -32.12
CA ALA D 177 -8.60 -19.66 -32.69
C ALA D 177 -7.76 -18.97 -31.62
N TRP D 178 -8.33 -18.84 -30.43
CA TRP D 178 -7.62 -18.25 -29.29
C TRP D 178 -6.38 -19.07 -28.93
N THR D 179 -6.58 -20.38 -28.80
CA THR D 179 -5.50 -21.28 -28.43
C THR D 179 -4.37 -21.21 -29.47
N PHE D 180 -4.74 -21.00 -30.72
CA PHE D 180 -3.77 -20.90 -31.81
C PHE D 180 -2.82 -19.71 -31.61
N VAL D 181 -3.35 -18.62 -31.06
CA VAL D 181 -2.52 -17.45 -30.79
C VAL D 181 -1.49 -17.81 -29.72
N ASN D 182 -1.93 -18.53 -28.70
CA ASN D 182 -1.02 -19.05 -27.69
C ASN D 182 0.07 -19.91 -28.32
N ASP D 183 -0.32 -20.72 -29.30
CA ASP D 183 0.62 -21.56 -30.02
C ASP D 183 1.65 -20.72 -30.78
N SER D 184 1.16 -19.76 -31.57
CA SER D 184 2.00 -18.94 -32.44
C SER D 184 3.10 -18.14 -31.76
N LEU D 185 2.91 -17.81 -30.49
CA LEU D 185 3.85 -16.96 -29.75
C LEU D 185 5.27 -17.51 -29.69
N CYS D 186 5.42 -18.83 -29.79
CA CYS D 186 6.74 -19.45 -29.78
C CYS D 186 7.50 -19.22 -31.08
N THR D 187 6.82 -18.63 -32.07
CA THR D 187 7.42 -18.41 -33.38
C THR D 187 7.52 -16.93 -33.73
N THR D 188 8.21 -16.65 -34.83
CA THR D 188 8.44 -15.28 -35.27
C THR D 188 7.29 -14.71 -36.12
N LEU D 189 6.08 -15.13 -35.80
CA LEU D 189 4.90 -14.55 -36.42
C LEU D 189 4.63 -13.15 -35.86
N SER D 190 4.96 -12.97 -34.59
CA SER D 190 4.87 -11.66 -33.94
C SER D 190 5.84 -10.68 -34.59
N LEU D 191 6.86 -11.24 -35.25
CA LEU D 191 7.89 -10.44 -35.91
C LEU D 191 7.65 -10.37 -37.41
N GLN D 192 6.54 -10.95 -37.86
CA GLN D 192 6.28 -11.04 -39.29
C GLN D 192 5.07 -10.23 -39.73
N TRP D 193 3.99 -10.27 -38.94
CA TRP D 193 2.74 -9.65 -39.34
C TRP D 193 2.09 -8.85 -38.22
N GLU D 194 1.36 -7.80 -38.60
CA GLU D 194 0.56 -7.03 -37.65
C GLU D 194 -0.39 -7.95 -36.90
N PRO D 195 -0.65 -7.64 -35.61
CA PRO D 195 -1.49 -8.52 -34.79
C PRO D 195 -2.90 -8.70 -35.34
N GLU D 196 -3.41 -7.70 -36.05
CA GLU D 196 -4.72 -7.81 -36.69
C GLU D 196 -4.72 -8.88 -37.79
N ILE D 197 -3.64 -8.93 -38.56
CA ILE D 197 -3.54 -9.88 -39.68
C ILE D 197 -3.31 -11.31 -39.17
N ILE D 198 -2.61 -11.42 -38.04
CA ILE D 198 -2.41 -12.72 -37.41
C ILE D 198 -3.75 -13.19 -36.85
N ALA D 199 -4.53 -12.23 -36.35
CA ALA D 199 -5.86 -12.51 -35.80
C ALA D 199 -6.82 -12.95 -36.90
N VAL D 200 -6.66 -12.38 -38.08
CA VAL D 200 -7.45 -12.79 -39.24
C VAL D 200 -7.07 -14.21 -39.64
N ALA D 201 -5.77 -14.50 -39.58
CA ALA D 201 -5.25 -15.80 -40.00
C ALA D 201 -5.77 -16.94 -39.12
N VAL D 202 -5.83 -16.72 -37.81
CA VAL D 202 -6.30 -17.77 -36.90
C VAL D 202 -7.81 -17.95 -36.99
N MET D 203 -8.50 -16.92 -37.48
CA MET D 203 -9.93 -17.05 -37.79
C MET D 203 -10.12 -17.87 -39.06
N TYR D 204 -9.22 -17.63 -40.02
CA TYR D 204 -9.21 -18.37 -41.28
C TYR D 204 -8.94 -19.86 -41.05
N LEU D 205 -7.98 -20.14 -40.18
CA LEU D 205 -7.58 -21.51 -39.87
C LEU D 205 -8.62 -22.26 -39.03
N ALA D 206 -9.14 -21.61 -38.00
CA ALA D 206 -10.15 -22.21 -37.14
C ALA D 206 -11.46 -22.44 -37.90
N GLY D 207 -11.65 -21.69 -38.99
CA GLY D 207 -12.82 -21.83 -39.82
C GLY D 207 -12.71 -22.98 -40.81
N ARG D 208 -11.49 -23.32 -41.19
CA ARG D 208 -11.26 -24.38 -42.18
C ARG D 208 -11.33 -25.78 -41.58
N LEU D 209 -10.61 -26.01 -40.48
CA LEU D 209 -10.55 -27.33 -39.86
C LEU D 209 -11.88 -27.72 -39.19
N CYS D 210 -12.76 -26.73 -39.01
CA CYS D 210 -14.07 -26.97 -38.43
C CYS D 210 -15.12 -26.95 -39.53
N LYS D 211 -14.66 -26.73 -40.75
CA LYS D 211 -15.50 -26.66 -41.95
C LYS D 211 -16.56 -25.55 -41.92
N PHE D 212 -16.44 -24.63 -40.97
CA PHE D 212 -17.32 -23.47 -40.94
C PHE D 212 -16.98 -22.51 -42.07
N GLU D 213 -17.96 -22.23 -42.93
CA GLU D 213 -17.77 -21.22 -43.95
C GLU D 213 -18.16 -19.86 -43.35
N ILE D 214 -17.19 -18.99 -43.18
CA ILE D 214 -17.33 -17.78 -42.37
C ILE D 214 -18.09 -16.63 -43.04
N GLN D 215 -18.10 -16.60 -44.37
CA GLN D 215 -18.76 -15.52 -45.10
C GLN D 215 -20.25 -15.42 -44.76
N GLU D 216 -20.90 -16.57 -44.63
CA GLU D 216 -22.34 -16.65 -44.44
C GLU D 216 -22.83 -15.94 -43.17
N TRP D 217 -21.91 -15.44 -42.35
CA TRP D 217 -22.26 -14.64 -41.18
C TRP D 217 -21.95 -13.16 -41.38
N THR D 218 -21.50 -12.78 -42.57
CA THR D 218 -21.17 -11.38 -42.84
C THR D 218 -22.16 -10.73 -43.80
N SER D 219 -22.08 -9.42 -43.92
CA SER D 219 -22.96 -8.64 -44.80
C SER D 219 -22.94 -9.15 -46.24
N LYS D 220 -21.78 -9.61 -46.69
CA LYS D 220 -21.64 -10.16 -48.04
C LYS D 220 -21.26 -11.64 -48.01
N PRO D 221 -22.28 -12.52 -48.13
CA PRO D 221 -22.09 -13.98 -48.06
C PRO D 221 -21.57 -14.61 -49.35
N MET D 222 -21.35 -13.82 -50.41
CA MET D 222 -20.88 -14.43 -51.65
C MET D 222 -19.41 -14.16 -51.95
N TYR D 223 -18.85 -13.12 -51.33
CA TYR D 223 -17.41 -12.88 -51.43
C TYR D 223 -16.71 -13.87 -50.51
N ARG D 224 -16.00 -14.81 -51.12
CA ARG D 224 -15.37 -15.92 -50.41
C ARG D 224 -14.37 -15.39 -49.39
N ARG D 225 -13.60 -14.41 -49.81
CA ARG D 225 -12.55 -13.82 -48.97
C ARG D 225 -13.20 -12.88 -47.96
N TRP D 226 -13.87 -13.47 -46.99
CA TRP D 226 -14.62 -12.75 -45.95
C TRP D 226 -13.83 -11.71 -45.16
N TRP D 227 -12.51 -11.90 -45.08
CA TRP D 227 -11.69 -11.12 -44.15
C TRP D 227 -11.47 -9.67 -44.52
N GLU D 228 -11.68 -9.32 -45.79
CA GLU D 228 -11.41 -7.96 -46.25
C GLU D 228 -12.35 -6.94 -45.62
N GLN D 229 -13.38 -7.42 -44.93
CA GLN D 229 -14.31 -6.53 -44.24
C GLN D 229 -13.71 -6.03 -42.93
N PHE D 230 -12.60 -6.65 -42.51
CA PHE D 230 -11.91 -6.23 -41.30
C PHE D 230 -10.55 -5.61 -41.63
N VAL D 231 -9.85 -6.19 -42.61
CA VAL D 231 -8.55 -5.69 -43.01
C VAL D 231 -8.62 -5.13 -44.44
N GLN D 232 -7.46 -4.89 -45.05
CA GLN D 232 -7.44 -4.25 -46.36
C GLN D 232 -6.52 -4.95 -47.36
N ASP D 233 -7.12 -5.52 -48.39
CA ASP D 233 -6.40 -6.07 -49.54
C ASP D 233 -5.43 -7.20 -49.18
N VAL D 234 -5.74 -7.91 -48.11
CA VAL D 234 -4.91 -9.04 -47.68
C VAL D 234 -5.17 -10.26 -48.55
N PRO D 235 -4.14 -10.74 -49.25
CA PRO D 235 -4.26 -11.90 -50.15
C PRO D 235 -4.41 -13.23 -49.39
N VAL D 236 -5.10 -14.18 -50.00
CA VAL D 236 -5.31 -15.48 -49.40
C VAL D 236 -3.98 -16.23 -49.26
N ASP D 237 -3.02 -15.88 -50.10
CA ASP D 237 -1.68 -16.48 -50.07
C ASP D 237 -0.97 -16.23 -48.75
N VAL D 238 -0.88 -14.96 -48.37
CA VAL D 238 -0.23 -14.55 -47.13
C VAL D 238 -0.87 -15.22 -45.92
N LEU D 239 -2.19 -15.30 -45.93
CA LEU D 239 -2.95 -15.92 -44.84
C LEU D 239 -2.60 -17.41 -44.68
N GLU D 240 -2.44 -18.10 -45.80
CA GLU D 240 -2.12 -19.52 -45.77
C GLU D 240 -0.69 -19.75 -45.30
N ASP D 241 0.18 -18.76 -45.53
CA ASP D 241 1.55 -18.80 -45.05
C ASP D 241 1.61 -18.84 -43.53
N ILE D 242 0.83 -17.96 -42.90
CA ILE D 242 0.75 -17.92 -41.44
C ILE D 242 0.21 -19.25 -40.89
N CYS D 243 -0.78 -19.80 -41.58
CA CYS D 243 -1.40 -21.07 -41.18
C CYS D 243 -0.42 -22.23 -41.19
N HIS D 244 0.37 -22.34 -42.26
CA HIS D 244 1.35 -23.40 -42.42
C HIS D 244 2.41 -23.40 -41.32
N GLN D 245 2.94 -22.22 -41.04
CA GLN D 245 3.96 -22.04 -40.02
C GLN D 245 3.49 -22.53 -38.65
N ILE D 246 2.18 -22.44 -38.43
CA ILE D 246 1.56 -22.87 -37.18
C ILE D 246 1.32 -24.38 -37.20
N LEU D 247 1.01 -24.91 -38.38
CA LEU D 247 0.75 -26.34 -38.52
C LEU D 247 1.96 -27.19 -38.17
N ASP D 248 3.16 -26.61 -38.34
CA ASP D 248 4.39 -27.32 -38.03
C ASP D 248 4.48 -27.48 -36.51
N LEU D 249 3.87 -26.54 -35.79
CA LEU D 249 3.88 -26.58 -34.34
C LEU D 249 3.12 -27.78 -33.80
N TYR D 250 1.98 -28.11 -34.41
CA TYR D 250 1.22 -29.25 -33.95
C TYR D 250 1.91 -30.53 -34.44
N SER D 251 2.71 -30.39 -35.49
CA SER D 251 3.38 -31.54 -36.10
C SER D 251 4.45 -32.09 -35.16
N GLN D 252 4.95 -31.25 -34.26
CA GLN D 252 6.04 -31.63 -33.37
C GLN D 252 5.82 -31.25 -31.90
N GLY D 253 5.69 -29.96 -31.62
CA GLY D 253 5.48 -29.51 -30.26
C GLY D 253 4.24 -28.66 -30.04
N LYS D 254 3.21 -29.24 -29.44
CA LYS D 254 1.96 -28.53 -29.17
C LYS D 254 2.17 -27.35 -28.22
#